data_1RJM
#
_entry.id   1RJM
#
_cell.length_a   80.305
_cell.length_b   80.305
_cell.length_c   257.553
_cell.angle_alpha   90.00
_cell.angle_beta   90.00
_cell.angle_gamma   90.00
#
_symmetry.space_group_name_H-M   'P 43 21 2'
#
loop_
_entity.id
_entity.type
_entity.pdbx_description
1 polymer MenB
2 non-polymer '3-[4-(2-HYDROXYETHYL)PIPERAZIN-1-YL]PROPANE-1-SULFONIC ACID'
3 water water
#
_entity_poly.entity_id   1
_entity_poly.type   'polypeptide(L)'
_entity_poly.pdbx_seq_one_letter_code
;MSYYHHHHHHNYNIPTTENLYFQGAMVAPAGEQGRSSTALSDNPFDAKAWRLVDGFDDLTDITYHRHVDDATVRVAFNRP
EVRNAFRPHTVDELYRVLDHARMSPDVGVVLLTGNGPSPKDGGWAFCSGGDQRIRGRSGYQYASGDTADTVDVARAGRLH
ILEVQRLIRFMPKVVICLVNGWAAGGGHSLHVVCDLTLASREYARFKQTDADVGSFDGGYGSAYLARQVGQKFAREIFFL
GRTYTAEQMHQMGAVNAVAEHAELETVGLQWAAEINAKSPQAQRMLKFAFNLLDDGLVGQQLFAGEATRLAYMTDEAVEG
RDAFLQKRPPDWSPFPRYF
;
_entity_poly.pdbx_strand_id   A,B,C
#
loop_
_chem_comp.id
_chem_comp.type
_chem_comp.name
_chem_comp.formula
EP1 non-polymer '3-[4-(2-HYDROXYETHYL)PIPERAZIN-1-YL]PROPANE-1-SULFONIC ACID' 'C9 H20 N2 O4 S'
#
# COMPACT_ATOMS: atom_id res chain seq x y z
N ASN A 43 -25.52 21.17 10.72
CA ASN A 43 -25.20 20.58 9.38
C ASN A 43 -23.71 20.66 9.13
N PRO A 44 -23.22 19.88 8.15
CA PRO A 44 -21.79 19.92 7.82
C PRO A 44 -21.45 21.36 7.41
N PHE A 45 -22.34 21.96 6.64
CA PHE A 45 -22.17 23.32 6.12
C PHE A 45 -22.36 24.43 7.15
N ASP A 46 -21.43 25.38 7.12
CA ASP A 46 -21.44 26.54 8.01
C ASP A 46 -21.45 27.80 7.14
N ALA A 47 -22.64 28.23 6.73
CA ALA A 47 -22.80 29.42 5.89
C ALA A 47 -22.00 30.63 6.35
N LYS A 48 -21.90 30.83 7.65
CA LYS A 48 -21.18 31.98 8.19
C LYS A 48 -19.72 32.04 7.75
N ALA A 49 -19.20 30.94 7.22
CA ALA A 49 -17.79 30.89 6.81
C ALA A 49 -17.54 30.95 5.31
N TRP A 50 -18.61 30.93 4.51
CA TRP A 50 -18.43 30.97 3.05
C TRP A 50 -19.14 32.12 2.33
N ARG A 51 -18.59 32.50 1.18
CA ARG A 51 -19.12 33.55 0.33
C ARG A 51 -19.22 32.99 -1.08
N LEU A 52 -20.27 33.37 -1.81
CA LEU A 52 -20.43 32.88 -3.18
C LEU A 52 -19.31 33.45 -4.06
N VAL A 53 -18.98 32.74 -5.14
CA VAL A 53 -17.93 33.19 -6.05
C VAL A 53 -18.53 33.98 -7.20
N ASP A 54 -18.07 35.22 -7.36
CA ASP A 54 -18.59 36.07 -8.42
C ASP A 54 -18.53 35.43 -9.80
N GLY A 55 -19.64 35.51 -10.52
CA GLY A 55 -19.68 34.95 -11.86
C GLY A 55 -20.28 33.55 -11.93
N PHE A 56 -20.91 33.10 -10.83
CA PHE A 56 -21.50 31.77 -10.83
C PHE A 56 -22.90 31.65 -10.25
N ASP A 57 -23.73 32.67 -10.40
CA ASP A 57 -25.09 32.58 -9.88
C ASP A 57 -25.99 31.80 -10.83
N ASP A 58 -25.44 31.42 -11.98
CA ASP A 58 -26.21 30.67 -12.96
C ASP A 58 -26.11 29.17 -12.74
N LEU A 59 -25.32 28.76 -11.75
CA LEU A 59 -25.12 27.34 -11.44
C LEU A 59 -26.40 26.71 -10.88
N THR A 60 -26.68 25.48 -11.28
CA THR A 60 -27.88 24.80 -10.80
C THR A 60 -27.61 23.46 -10.12
N ASP A 61 -26.58 22.74 -10.60
CA ASP A 61 -26.24 21.43 -10.06
C ASP A 61 -25.03 21.42 -9.13
N ILE A 62 -24.35 22.56 -9.03
CA ILE A 62 -23.16 22.68 -8.21
C ILE A 62 -23.17 24.01 -7.48
N THR A 63 -22.59 24.03 -6.28
CA THR A 63 -22.49 25.29 -5.53
C THR A 63 -21.00 25.54 -5.46
N TYR A 64 -20.62 26.82 -5.42
CA TYR A 64 -19.22 27.19 -5.42
C TYR A 64 -18.99 28.35 -4.46
N HIS A 65 -18.27 28.10 -3.38
CA HIS A 65 -18.00 29.14 -2.39
C HIS A 65 -16.52 29.36 -2.13
N ARG A 66 -16.24 30.54 -1.58
CA ARG A 66 -14.89 30.93 -1.24
C ARG A 66 -14.94 31.24 0.26
N HIS A 67 -14.00 30.71 1.02
CA HIS A 67 -14.00 30.93 2.46
C HIS A 67 -13.79 32.39 2.78
N VAL A 68 -14.47 32.87 3.82
CA VAL A 68 -14.38 34.27 4.22
C VAL A 68 -12.96 34.67 4.59
N ASP A 69 -12.15 33.74 5.03
CA ASP A 69 -10.78 34.13 5.39
C ASP A 69 -9.64 33.31 4.75
N ASP A 70 -9.78 32.02 4.73
CA ASP A 70 -8.78 31.06 4.22
C ASP A 70 -8.69 30.94 2.71
N ALA A 71 -7.50 30.70 2.21
CA ALA A 71 -7.42 30.44 0.73
C ALA A 71 -7.99 29.06 0.37
N THR A 72 -9.28 28.88 0.65
CA THR A 72 -9.96 27.63 0.40
C THR A 72 -11.32 27.82 -0.25
N VAL A 73 -11.67 26.92 -1.17
CA VAL A 73 -12.97 26.98 -1.82
C VAL A 73 -13.74 25.71 -1.54
N ARG A 74 -15.06 25.81 -1.64
CA ARG A 74 -15.95 24.67 -1.41
C ARG A 74 -16.76 24.45 -2.68
N VAL A 75 -16.54 23.30 -3.30
CA VAL A 75 -17.24 22.90 -4.52
C VAL A 75 -18.10 21.70 -4.14
N ALA A 76 -19.41 21.80 -4.35
CA ALA A 76 -20.29 20.70 -3.95
C ALA A 76 -21.40 20.37 -4.92
N PHE A 77 -21.73 19.08 -4.99
CA PHE A 77 -22.82 18.63 -5.84
C PHE A 77 -24.08 19.18 -5.19
N ASN A 78 -24.98 19.71 -6.01
CA ASN A 78 -26.20 20.32 -5.50
C ASN A 78 -27.48 19.71 -6.04
N ARG A 79 -27.59 18.40 -5.95
CA ARG A 79 -28.77 17.69 -6.41
C ARG A 79 -29.13 16.62 -5.39
N PRO A 80 -29.32 17.03 -4.12
CA PRO A 80 -29.66 16.14 -3.00
C PRO A 80 -30.90 15.29 -3.24
N GLU A 81 -31.91 15.88 -3.90
CA GLU A 81 -33.14 15.17 -4.15
C GLU A 81 -32.92 13.88 -4.95
N VAL A 82 -31.79 13.79 -5.63
CA VAL A 82 -31.46 12.59 -6.39
C VAL A 82 -30.08 12.05 -6.02
N ARG A 83 -29.73 12.20 -4.75
CA ARG A 83 -28.46 11.74 -4.20
C ARG A 83 -27.22 12.26 -4.92
N ASN A 84 -27.27 13.53 -5.29
CA ASN A 84 -26.16 14.17 -5.96
C ASN A 84 -25.54 13.38 -7.12
N ALA A 85 -26.38 12.71 -7.89
CA ALA A 85 -25.90 11.97 -9.06
C ALA A 85 -25.61 13.06 -10.07
N PHE A 86 -24.73 12.80 -11.03
CA PHE A 86 -24.44 13.84 -12.01
C PHE A 86 -24.94 13.52 -13.40
N ARG A 87 -25.46 14.54 -14.05
CA ARG A 87 -25.96 14.43 -15.42
C ARG A 87 -24.99 15.25 -16.24
N PRO A 88 -25.03 15.09 -17.57
CA PRO A 88 -24.10 15.86 -18.42
C PRO A 88 -23.97 17.32 -18.03
N HIS A 89 -25.08 17.96 -17.68
CA HIS A 89 -25.05 19.37 -17.29
C HIS A 89 -24.28 19.57 -15.99
N THR A 90 -24.36 18.59 -15.10
CA THR A 90 -23.65 18.67 -13.82
C THR A 90 -22.14 18.66 -14.04
N VAL A 91 -21.69 17.78 -14.93
CA VAL A 91 -20.27 17.64 -15.24
C VAL A 91 -19.72 18.93 -15.82
N ASP A 92 -20.49 19.58 -16.69
CA ASP A 92 -20.07 20.86 -17.29
C ASP A 92 -19.84 21.91 -16.21
N GLU A 93 -20.79 22.05 -15.30
CA GLU A 93 -20.64 23.05 -14.23
C GLU A 93 -19.46 22.69 -13.34
N LEU A 94 -19.35 21.41 -13.00
CA LEU A 94 -18.26 20.95 -12.14
C LEU A 94 -16.92 21.30 -12.80
N TYR A 95 -16.79 20.97 -14.08
CA TYR A 95 -15.55 21.26 -14.79
C TYR A 95 -15.27 22.75 -14.77
N ARG A 96 -16.28 23.56 -15.10
CA ARG A 96 -16.14 25.01 -15.10
C ARG A 96 -15.68 25.53 -13.75
N VAL A 97 -16.34 25.08 -12.69
CA VAL A 97 -16.00 25.52 -11.35
C VAL A 97 -14.57 25.11 -10.96
N LEU A 98 -14.25 23.83 -11.11
CA LEU A 98 -12.92 23.36 -10.76
C LEU A 98 -11.85 24.06 -11.58
N ASP A 99 -12.13 24.29 -12.85
CA ASP A 99 -11.16 24.97 -13.72
C ASP A 99 -10.91 26.39 -13.20
N HIS A 100 -11.98 27.05 -12.77
CA HIS A 100 -11.86 28.40 -12.24
C HIS A 100 -11.01 28.35 -10.98
N ALA A 101 -11.28 27.38 -10.11
CA ALA A 101 -10.52 27.25 -8.87
C ALA A 101 -9.05 27.03 -9.22
N ARG A 102 -8.80 26.20 -10.23
CA ARG A 102 -7.44 25.90 -10.67
C ARG A 102 -6.68 27.17 -11.02
N MET A 103 -7.37 28.13 -11.63
CA MET A 103 -6.75 29.37 -12.05
C MET A 103 -6.77 30.50 -11.03
N SER A 104 -7.35 30.25 -9.85
CA SER A 104 -7.42 31.27 -8.81
C SER A 104 -6.12 31.26 -8.02
N PRO A 105 -5.24 32.24 -8.27
CA PRO A 105 -3.94 32.41 -7.62
C PRO A 105 -3.94 32.43 -6.10
N ASP A 106 -5.00 32.96 -5.51
CA ASP A 106 -5.09 33.07 -4.06
C ASP A 106 -5.81 31.88 -3.40
N VAL A 107 -6.04 30.81 -4.15
CA VAL A 107 -6.70 29.62 -3.61
C VAL A 107 -5.72 28.45 -3.60
N GLY A 108 -5.43 27.92 -2.42
CA GLY A 108 -4.49 26.81 -2.33
C GLY A 108 -5.12 25.45 -2.03
N VAL A 109 -6.39 25.45 -1.61
CA VAL A 109 -7.07 24.20 -1.30
C VAL A 109 -8.50 24.17 -1.80
N VAL A 110 -8.90 23.04 -2.37
CA VAL A 110 -10.25 22.86 -2.87
C VAL A 110 -10.92 21.74 -2.05
N LEU A 111 -12.08 22.06 -1.46
CA LEU A 111 -12.83 21.07 -0.70
C LEU A 111 -13.95 20.62 -1.63
N LEU A 112 -14.00 19.32 -1.94
CA LEU A 112 -15.03 18.78 -2.82
C LEU A 112 -15.97 17.92 -2.00
N THR A 113 -17.24 18.32 -1.95
CA THR A 113 -18.21 17.57 -1.17
C THR A 113 -19.56 17.52 -1.84
N GLY A 114 -20.58 17.17 -1.07
CA GLY A 114 -21.93 17.10 -1.60
C GLY A 114 -22.86 17.75 -0.60
N ASN A 115 -23.82 18.53 -1.09
CA ASN A 115 -24.78 19.19 -0.19
C ASN A 115 -25.89 18.22 0.22
N GLY A 116 -26.46 18.46 1.40
CA GLY A 116 -27.51 17.58 1.87
C GLY A 116 -28.32 18.16 3.03
N PRO A 117 -29.29 17.41 3.56
CA PRO A 117 -29.66 16.06 3.10
C PRO A 117 -30.67 16.07 1.97
N SER A 118 -31.07 14.88 1.52
CA SER A 118 -32.07 14.79 0.47
C SER A 118 -33.39 15.31 1.02
N PRO A 119 -34.02 16.25 0.31
CA PRO A 119 -35.30 16.80 0.79
C PRO A 119 -36.40 15.74 0.70
N LYS A 120 -36.14 14.71 -0.12
CA LYS A 120 -37.10 13.65 -0.34
C LYS A 120 -37.09 12.48 0.66
N ASP A 121 -35.94 12.20 1.26
CA ASP A 121 -35.85 11.10 2.22
C ASP A 121 -34.93 11.36 3.41
N GLY A 122 -34.36 12.57 3.47
CA GLY A 122 -33.47 12.90 4.57
C GLY A 122 -32.13 12.18 4.52
N GLY A 123 -31.84 11.53 3.41
CA GLY A 123 -30.57 10.82 3.28
C GLY A 123 -29.42 11.74 2.92
N TRP A 124 -28.20 11.23 3.04
CA TRP A 124 -27.01 12.00 2.71
C TRP A 124 -26.20 11.34 1.59
N ALA A 125 -25.67 12.18 0.71
CA ALA A 125 -24.87 11.69 -0.41
C ALA A 125 -23.83 12.71 -0.85
N PHE A 126 -22.66 12.20 -1.22
CA PHE A 126 -21.58 13.03 -1.72
C PHE A 126 -21.85 13.09 -3.23
N CYS A 127 -21.80 11.92 -3.85
CA CYS A 127 -22.07 11.77 -5.28
C CYS A 127 -22.41 10.31 -5.58
N SER A 128 -23.58 10.11 -6.19
CA SER A 128 -24.05 8.77 -6.51
C SER A 128 -23.65 8.26 -7.89
N GLY A 129 -22.91 9.06 -8.64
CA GLY A 129 -22.50 8.62 -9.96
C GLY A 129 -23.30 9.27 -11.08
N GLY A 130 -23.19 8.71 -12.28
CA GLY A 130 -23.90 9.26 -13.42
C GLY A 130 -25.37 8.88 -13.45
N HIS A 160 -16.64 12.45 -20.30
CA HIS A 160 -16.36 13.85 -19.99
C HIS A 160 -16.01 14.01 -18.51
N ILE A 161 -16.48 13.08 -17.68
CA ILE A 161 -16.17 13.11 -16.26
C ILE A 161 -14.68 12.79 -16.12
N LEU A 162 -14.12 12.17 -17.15
CA LEU A 162 -12.71 11.82 -17.17
C LEU A 162 -11.88 13.10 -17.22
N GLU A 163 -12.43 14.14 -17.84
CA GLU A 163 -11.74 15.41 -17.94
C GLU A 163 -11.72 16.10 -16.59
N VAL A 164 -12.77 15.87 -15.80
CA VAL A 164 -12.85 16.45 -14.47
C VAL A 164 -11.79 15.75 -13.61
N GLN A 165 -11.66 14.44 -13.77
CA GLN A 165 -10.67 13.70 -13.01
C GLN A 165 -9.27 14.27 -13.26
N ARG A 166 -8.92 14.49 -14.53
CA ARG A 166 -7.61 15.03 -14.85
C ARG A 166 -7.44 16.46 -14.30
N LEU A 167 -8.50 17.25 -14.32
CA LEU A 167 -8.44 18.61 -13.79
C LEU A 167 -8.07 18.53 -12.29
N ILE A 168 -8.68 17.59 -11.58
CA ILE A 168 -8.40 17.41 -10.16
C ILE A 168 -6.96 16.91 -9.99
N ARG A 169 -6.58 15.95 -10.82
CA ARG A 169 -5.27 15.36 -10.77
C ARG A 169 -4.14 16.35 -11.09
N PHE A 170 -4.34 17.15 -12.13
CA PHE A 170 -3.31 18.10 -12.58
C PHE A 170 -3.26 19.48 -11.96
N MET A 171 -4.33 19.93 -11.30
CA MET A 171 -4.29 21.26 -10.72
C MET A 171 -3.30 21.40 -9.57
N PRO A 172 -2.50 22.47 -9.58
CA PRO A 172 -1.48 22.76 -8.57
C PRO A 172 -2.07 23.22 -7.24
N LYS A 173 -3.05 22.47 -6.75
CA LYS A 173 -3.70 22.78 -5.49
C LYS A 173 -4.11 21.46 -4.86
N VAL A 174 -4.16 21.41 -3.53
CA VAL A 174 -4.56 20.19 -2.87
C VAL A 174 -6.06 20.07 -2.87
N VAL A 175 -6.57 18.97 -3.42
CA VAL A 175 -8.01 18.74 -3.48
C VAL A 175 -8.41 17.68 -2.44
N ILE A 176 -9.18 18.12 -1.46
CA ILE A 176 -9.65 17.27 -0.37
C ILE A 176 -11.12 16.91 -0.58
N CYS A 177 -11.42 15.63 -0.71
CA CYS A 177 -12.81 15.21 -0.88
C CYS A 177 -13.40 14.99 0.52
N LEU A 178 -14.57 15.57 0.76
CA LEU A 178 -15.24 15.40 2.04
C LEU A 178 -16.47 14.55 1.74
N VAL A 179 -16.38 13.26 2.03
CA VAL A 179 -17.48 12.35 1.76
C VAL A 179 -18.48 12.43 2.91
N ASN A 180 -19.60 13.11 2.65
CA ASN A 180 -20.66 13.32 3.63
C ASN A 180 -21.78 12.30 3.54
N GLY A 181 -21.74 11.45 2.53
CA GLY A 181 -22.77 10.44 2.38
C GLY A 181 -22.35 9.40 1.38
N TRP A 182 -23.30 8.93 0.58
CA TRP A 182 -23.01 7.92 -0.42
C TRP A 182 -22.01 8.40 -1.46
N ALA A 183 -21.04 7.55 -1.77
CA ALA A 183 -20.02 7.81 -2.76
C ALA A 183 -19.99 6.55 -3.62
N ALA A 184 -20.83 6.53 -4.64
CA ALA A 184 -20.92 5.35 -5.51
C ALA A 184 -20.63 5.65 -6.97
N GLY A 185 -20.22 4.61 -7.69
CA GLY A 185 -19.91 4.74 -9.11
C GLY A 185 -18.93 5.87 -9.37
N GLY A 186 -19.28 6.74 -10.31
CA GLY A 186 -18.41 7.86 -10.64
C GLY A 186 -18.14 8.72 -9.43
N GLY A 187 -19.09 8.73 -8.49
CA GLY A 187 -18.89 9.52 -7.28
C GLY A 187 -17.76 8.94 -6.48
N HIS A 188 -17.66 7.61 -6.47
CA HIS A 188 -16.60 6.94 -5.74
C HIS A 188 -15.25 7.22 -6.42
N SER A 189 -15.26 7.21 -7.75
CA SER A 189 -14.05 7.47 -8.52
C SER A 189 -13.52 8.88 -8.30
N LEU A 190 -14.42 9.84 -8.10
CA LEU A 190 -14.00 11.21 -7.85
C LEU A 190 -13.25 11.28 -6.54
N HIS A 191 -13.75 10.58 -5.53
CA HIS A 191 -13.10 10.58 -4.22
C HIS A 191 -11.69 9.96 -4.33
N VAL A 192 -11.59 8.86 -5.07
CA VAL A 192 -10.31 8.19 -5.25
C VAL A 192 -9.22 9.09 -5.86
N VAL A 193 -9.56 9.85 -6.89
CA VAL A 193 -8.60 10.73 -7.55
C VAL A 193 -8.22 11.98 -6.75
N CYS A 194 -9.05 12.38 -5.78
CA CYS A 194 -8.71 13.55 -4.97
C CYS A 194 -7.44 13.20 -4.17
N ASP A 195 -6.67 14.22 -3.83
CA ASP A 195 -5.44 14.04 -3.09
C ASP A 195 -5.64 13.48 -1.69
N LEU A 196 -6.71 13.90 -1.04
CA LEU A 196 -7.01 13.46 0.32
C LEU A 196 -8.51 13.28 0.46
N THR A 197 -8.91 12.42 1.40
CA THR A 197 -10.32 12.17 1.65
C THR A 197 -10.62 12.11 3.15
N LEU A 198 -11.62 12.88 3.56
CA LEU A 198 -12.07 12.90 4.95
C LEU A 198 -13.51 12.41 4.81
N ALA A 199 -13.99 11.59 5.75
CA ALA A 199 -15.34 11.08 5.63
C ALA A 199 -16.20 11.09 6.90
N SER A 200 -17.49 11.27 6.69
CA SER A 200 -18.48 11.31 7.76
C SER A 200 -18.61 9.91 8.37
N ARG A 201 -18.34 9.79 9.66
CA ARG A 201 -18.44 8.48 10.28
C ARG A 201 -19.84 7.88 10.18
N GLU A 202 -20.85 8.69 10.46
CA GLU A 202 -22.22 8.18 10.44
C GLU A 202 -22.82 7.97 9.05
N TYR A 203 -22.49 8.84 8.10
CA TYR A 203 -23.12 8.71 6.79
C TYR A 203 -22.28 8.36 5.57
N ALA A 204 -20.96 8.39 5.66
CA ALA A 204 -20.16 8.05 4.49
C ALA A 204 -20.40 6.59 4.11
N ARG A 205 -20.70 6.36 2.84
CA ARG A 205 -20.92 5.01 2.35
C ARG A 205 -20.18 4.88 1.03
N PHE A 206 -19.22 3.96 0.98
CA PHE A 206 -18.43 3.75 -0.22
C PHE A 206 -18.85 2.49 -0.95
N LYS A 207 -19.15 2.64 -2.23
CA LYS A 207 -19.57 1.51 -3.03
C LYS A 207 -19.19 1.72 -4.50
N GLN A 208 -18.44 0.77 -5.05
CA GLN A 208 -18.06 0.83 -6.45
C GLN A 208 -19.06 -0.05 -7.19
N THR A 209 -20.06 0.61 -7.78
CA THR A 209 -21.17 -0.01 -8.50
C THR A 209 -20.96 -0.55 -9.92
N ASP A 210 -20.32 0.25 -10.77
CA ASP A 210 -20.07 -0.08 -12.16
C ASP A 210 -20.29 -1.52 -12.63
N ALA A 211 -19.46 -2.45 -12.15
CA ALA A 211 -19.51 -3.86 -12.54
C ALA A 211 -20.88 -4.50 -12.74
N ASP A 212 -21.80 -4.39 -11.78
CA ASP A 212 -23.11 -4.99 -11.95
C ASP A 212 -23.97 -4.25 -12.98
N VAL A 213 -23.49 -3.08 -13.40
CA VAL A 213 -24.18 -2.26 -14.40
C VAL A 213 -23.59 -2.53 -15.79
N GLY A 214 -22.52 -3.31 -15.83
CA GLY A 214 -21.87 -3.63 -17.10
C GLY A 214 -20.79 -2.61 -17.45
N SER A 215 -20.74 -1.54 -16.65
CA SER A 215 -19.77 -0.48 -16.85
C SER A 215 -18.51 -0.71 -16.01
N PHE A 216 -17.54 0.18 -16.14
CA PHE A 216 -16.29 0.07 -15.38
C PHE A 216 -15.33 1.23 -15.63
N ASP A 217 -14.63 1.63 -14.57
CA ASP A 217 -13.64 2.70 -14.65
C ASP A 217 -12.29 1.99 -14.55
N GLY A 218 -11.58 1.88 -15.67
CA GLY A 218 -10.29 1.21 -15.68
C GLY A 218 -9.11 2.16 -15.56
N GLY A 219 -9.37 3.37 -15.05
CA GLY A 219 -8.31 4.35 -14.90
C GLY A 219 -8.01 4.72 -13.46
N TYR A 220 -8.20 5.99 -13.12
CA TYR A 220 -7.94 6.46 -11.75
C TYR A 220 -8.95 5.88 -10.77
N GLY A 221 -10.13 5.51 -11.27
CA GLY A 221 -11.14 4.97 -10.38
C GLY A 221 -10.73 3.63 -9.80
N SER A 222 -10.10 2.80 -10.62
CA SER A 222 -9.67 1.47 -10.21
C SER A 222 -8.18 1.37 -9.94
N ALA A 223 -7.39 1.40 -11.02
CA ALA A 223 -5.94 1.30 -10.91
C ALA A 223 -5.35 2.18 -9.81
N TYR A 224 -5.75 3.45 -9.78
CA TYR A 224 -5.23 4.36 -8.77
C TYR A 224 -5.66 3.98 -7.35
N LEU A 225 -6.82 3.37 -7.19
CA LEU A 225 -7.28 2.94 -5.88
C LEU A 225 -6.27 1.93 -5.31
N ALA A 226 -5.71 1.10 -6.19
CA ALA A 226 -4.73 0.12 -5.77
C ALA A 226 -3.46 0.77 -5.20
N ARG A 227 -3.16 2.00 -5.63
CA ARG A 227 -2.00 2.72 -5.12
C ARG A 227 -2.32 3.31 -3.75
N GLN A 228 -3.55 3.09 -3.29
CA GLN A 228 -3.96 3.60 -1.99
C GLN A 228 -4.24 2.49 -0.99
N VAL A 229 -4.92 1.43 -1.40
CA VAL A 229 -5.23 0.35 -0.48
C VAL A 229 -4.55 -0.96 -0.84
N GLY A 230 -3.78 -0.96 -1.91
CA GLY A 230 -3.09 -2.19 -2.29
C GLY A 230 -3.93 -2.99 -3.27
N GLN A 231 -3.25 -3.85 -4.02
CA GLN A 231 -3.91 -4.67 -5.04
C GLN A 231 -5.01 -5.59 -4.55
N LYS A 232 -4.82 -6.21 -3.39
CA LYS A 232 -5.82 -7.13 -2.85
C LYS A 232 -7.13 -6.42 -2.52
N PHE A 233 -7.06 -5.37 -1.71
CA PHE A 233 -8.27 -4.64 -1.34
C PHE A 233 -8.94 -3.94 -2.52
N ALA A 234 -8.13 -3.38 -3.41
CA ALA A 234 -8.68 -2.68 -4.57
C ALA A 234 -9.49 -3.63 -5.43
N ARG A 235 -8.98 -4.83 -5.63
CA ARG A 235 -9.68 -5.82 -6.45
C ARG A 235 -10.96 -6.24 -5.72
N GLU A 236 -10.89 -6.33 -4.40
CA GLU A 236 -12.08 -6.69 -3.62
C GLU A 236 -13.16 -5.65 -3.83
N ILE A 237 -12.80 -4.40 -3.59
CA ILE A 237 -13.73 -3.29 -3.74
C ILE A 237 -14.44 -3.27 -5.08
N PHE A 238 -13.71 -3.51 -6.17
CA PHE A 238 -14.32 -3.50 -7.50
C PHE A 238 -15.03 -4.78 -7.90
N PHE A 239 -14.40 -5.93 -7.68
CA PHE A 239 -15.01 -7.20 -8.06
C PHE A 239 -16.34 -7.52 -7.36
N LEU A 240 -16.45 -7.25 -6.06
CA LEU A 240 -17.68 -7.55 -5.34
C LEU A 240 -18.63 -6.37 -5.17
N GLY A 241 -18.12 -5.16 -5.33
CA GLY A 241 -18.97 -3.99 -5.20
C GLY A 241 -19.74 -3.85 -3.90
N ARG A 242 -19.10 -4.22 -2.79
CA ARG A 242 -19.76 -4.12 -1.49
C ARG A 242 -19.74 -2.67 -1.00
N THR A 243 -20.53 -2.40 0.03
CA THR A 243 -20.60 -1.06 0.61
C THR A 243 -19.68 -1.03 1.84
N TYR A 244 -18.93 0.05 2.02
CA TYR A 244 -18.02 0.17 3.16
C TYR A 244 -18.22 1.48 3.90
N THR A 245 -17.95 1.45 5.21
CA THR A 245 -18.10 2.63 6.04
C THR A 245 -16.83 3.45 5.95
N ALA A 246 -16.86 4.64 6.54
CA ALA A 246 -15.71 5.53 6.56
C ALA A 246 -14.56 4.84 7.28
N GLU A 247 -14.89 4.20 8.39
CA GLU A 247 -13.88 3.52 9.19
C GLU A 247 -13.18 2.38 8.45
N GLN A 248 -13.96 1.52 7.79
CA GLN A 248 -13.39 0.40 7.04
C GLN A 248 -12.47 0.92 5.94
N MET A 249 -12.93 1.95 5.24
CA MET A 249 -12.14 2.52 4.15
C MET A 249 -10.88 3.19 4.71
N HIS A 250 -10.97 3.71 5.93
CA HIS A 250 -9.82 4.36 6.55
C HIS A 250 -8.81 3.27 6.88
N GLN A 251 -9.33 2.16 7.40
CA GLN A 251 -8.49 1.02 7.75
C GLN A 251 -7.73 0.51 6.51
N MET A 252 -8.37 0.50 5.35
CA MET A 252 -7.72 0.04 4.13
C MET A 252 -6.75 1.05 3.52
N GLY A 253 -6.92 2.34 3.84
CA GLY A 253 -5.98 3.32 3.32
C GLY A 253 -6.47 4.31 2.27
N ALA A 254 -7.76 4.30 1.96
CA ALA A 254 -8.31 5.22 0.96
C ALA A 254 -8.93 6.46 1.61
N VAL A 255 -9.14 6.40 2.93
CA VAL A 255 -9.70 7.52 3.68
C VAL A 255 -8.67 7.97 4.68
N ASN A 256 -8.32 9.26 4.63
CA ASN A 256 -7.32 9.80 5.53
C ASN A 256 -7.76 9.84 6.99
N ALA A 257 -9.00 10.29 7.21
CA ALA A 257 -9.50 10.36 8.58
C ALA A 257 -11.01 10.39 8.59
N VAL A 258 -11.57 9.91 9.70
CA VAL A 258 -13.00 9.86 9.89
C VAL A 258 -13.38 11.00 10.81
N ALA A 259 -14.52 11.61 10.55
CA ALA A 259 -14.96 12.73 11.36
C ALA A 259 -16.44 12.64 11.61
N GLU A 260 -16.89 13.26 12.69
CA GLU A 260 -18.30 13.26 12.98
C GLU A 260 -18.96 14.11 11.93
N HIS A 261 -20.08 13.61 11.44
CA HIS A 261 -20.83 14.25 10.39
C HIS A 261 -20.93 15.77 10.49
N ALA A 262 -21.40 16.26 11.63
CA ALA A 262 -21.55 17.69 11.84
C ALA A 262 -20.23 18.43 11.78
N GLU A 263 -19.13 17.72 12.00
CA GLU A 263 -17.79 18.33 12.00
C GLU A 263 -16.99 18.13 10.72
N LEU A 264 -17.53 17.37 9.77
CA LEU A 264 -16.80 17.09 8.54
C LEU A 264 -16.16 18.31 7.89
N GLU A 265 -16.96 19.33 7.59
CA GLU A 265 -16.42 20.52 6.95
C GLU A 265 -15.52 21.34 7.86
N THR A 266 -15.85 21.36 9.16
CA THR A 266 -15.02 22.08 10.12
C THR A 266 -13.64 21.44 10.14
N VAL A 267 -13.61 20.10 10.10
CA VAL A 267 -12.34 19.39 10.10
C VAL A 267 -11.64 19.63 8.77
N GLY A 268 -12.43 19.65 7.70
CA GLY A 268 -11.87 19.89 6.38
C GLY A 268 -11.16 21.23 6.31
N LEU A 269 -11.77 22.26 6.90
CA LEU A 269 -11.17 23.60 6.87
C LEU A 269 -9.90 23.63 7.71
N GLN A 270 -9.89 22.85 8.79
CA GLN A 270 -8.70 22.80 9.65
C GLN A 270 -7.54 22.18 8.87
N TRP A 271 -7.84 21.16 8.06
CA TRP A 271 -6.81 20.51 7.24
C TRP A 271 -6.39 21.48 6.13
N ALA A 272 -7.36 22.20 5.57
CA ALA A 272 -7.06 23.16 4.52
C ALA A 272 -6.14 24.24 5.07
N ALA A 273 -6.41 24.68 6.31
CA ALA A 273 -5.61 25.71 6.96
C ALA A 273 -4.16 25.26 7.15
N GLU A 274 -3.98 24.01 7.60
CA GLU A 274 -2.63 23.50 7.82
C GLU A 274 -1.87 23.42 6.51
N ILE A 275 -2.57 23.05 5.44
CA ILE A 275 -1.97 22.97 4.13
C ILE A 275 -1.57 24.37 3.66
N ASN A 276 -2.51 25.33 3.71
CA ASN A 276 -2.24 26.70 3.27
C ASN A 276 -1.21 27.46 4.11
N ALA A 277 -0.96 27.00 5.33
CA ALA A 277 0.01 27.65 6.19
C ALA A 277 1.45 27.39 5.74
N LYS A 278 1.65 26.47 4.81
CA LYS A 278 2.99 26.16 4.32
C LYS A 278 3.30 26.82 2.98
N SER A 279 4.53 26.67 2.54
CA SER A 279 4.97 27.23 1.27
C SER A 279 4.13 26.71 0.11
N PRO A 280 3.42 27.60 -0.59
CA PRO A 280 2.59 27.18 -1.73
C PRO A 280 3.42 26.47 -2.81
N GLN A 281 4.57 27.04 -3.13
CA GLN A 281 5.44 26.45 -4.14
C GLN A 281 5.83 25.04 -3.74
N ALA A 282 6.11 24.83 -2.46
CA ALA A 282 6.49 23.52 -1.96
C ALA A 282 5.32 22.54 -2.13
N GLN A 283 4.12 22.96 -1.75
CA GLN A 283 2.95 22.10 -1.87
C GLN A 283 2.72 21.68 -3.31
N ARG A 284 2.87 22.62 -4.25
CA ARG A 284 2.69 22.30 -5.67
C ARG A 284 3.72 21.25 -6.09
N MET A 285 4.98 21.51 -5.77
CA MET A 285 6.05 20.59 -6.12
C MET A 285 5.79 19.20 -5.57
N LEU A 286 5.40 19.13 -4.31
CA LEU A 286 5.12 17.84 -3.67
C LEU A 286 3.98 17.10 -4.37
N LYS A 287 2.88 17.78 -4.67
CA LYS A 287 1.78 17.09 -5.33
C LYS A 287 2.23 16.46 -6.65
N PHE A 288 3.01 17.20 -7.43
CA PHE A 288 3.47 16.63 -8.70
C PHE A 288 4.53 15.58 -8.49
N ALA A 289 5.23 15.64 -7.37
CA ALA A 289 6.24 14.62 -7.09
C ALA A 289 5.50 13.31 -6.79
N PHE A 290 4.36 13.39 -6.10
CA PHE A 290 3.60 12.20 -5.79
C PHE A 290 2.91 11.65 -7.05
N ASN A 291 2.47 12.55 -7.92
CA ASN A 291 1.83 12.16 -9.18
C ASN A 291 2.83 11.48 -10.10
N LEU A 292 4.04 12.04 -10.18
CA LEU A 292 5.11 11.54 -11.04
C LEU A 292 5.33 10.01 -10.92
N LEU A 293 5.06 9.46 -9.75
CA LEU A 293 5.23 8.02 -9.51
C LEU A 293 4.34 7.15 -10.40
N ASP A 294 3.21 7.71 -10.84
CA ASP A 294 2.28 6.93 -11.63
C ASP A 294 1.77 7.58 -12.91
N ASP A 295 2.05 8.87 -13.09
CA ASP A 295 1.57 9.56 -14.29
C ASP A 295 2.55 9.61 -15.46
N GLY A 296 3.64 8.83 -15.39
CA GLY A 296 4.61 8.80 -16.46
C GLY A 296 4.99 10.15 -17.04
N LEU A 297 5.04 10.25 -18.37
CA LEU A 297 5.43 11.50 -19.03
C LEU A 297 4.58 12.69 -18.65
N VAL A 298 3.28 12.48 -18.48
CA VAL A 298 2.42 13.58 -18.09
C VAL A 298 2.89 14.11 -16.74
N GLY A 299 3.17 13.17 -15.82
CA GLY A 299 3.63 13.54 -14.50
C GLY A 299 4.95 14.28 -14.55
N GLN A 300 5.84 13.83 -15.43
CA GLN A 300 7.13 14.49 -15.55
C GLN A 300 6.93 15.89 -16.13
N GLN A 301 6.07 16.02 -17.11
CA GLN A 301 5.81 17.33 -17.71
C GLN A 301 5.38 18.35 -16.66
N LEU A 302 4.44 17.95 -15.81
CA LEU A 302 3.94 18.84 -14.77
C LEU A 302 4.97 19.16 -13.70
N PHE A 303 5.75 18.16 -13.28
CA PHE A 303 6.75 18.42 -12.27
C PHE A 303 7.83 19.32 -12.87
N ALA A 304 8.36 18.92 -14.04
CA ALA A 304 9.39 19.71 -14.71
C ALA A 304 8.90 21.13 -14.95
N GLY A 305 7.66 21.25 -15.42
CA GLY A 305 7.10 22.57 -15.68
C GLY A 305 7.06 23.43 -14.44
N GLU A 306 6.68 22.82 -13.32
CA GLU A 306 6.59 23.51 -12.04
C GLU A 306 8.00 23.93 -11.60
N ALA A 307 8.99 23.11 -11.95
CA ALA A 307 10.36 23.40 -11.61
C ALA A 307 10.86 24.56 -12.48
N THR A 308 10.46 24.54 -13.75
CA THR A 308 10.84 25.58 -14.70
C THR A 308 10.60 26.97 -14.15
N ARG A 309 9.62 27.08 -13.24
CA ARG A 309 9.32 28.36 -12.63
C ARG A 309 10.49 28.80 -11.79
N LEU A 310 10.55 28.29 -10.56
CA LEU A 310 11.61 28.63 -9.62
C LEU A 310 12.58 29.68 -10.14
N ASP B 42 -16.32 -30.00 11.54
CA ASP B 42 -15.74 -28.65 11.32
C ASP B 42 -14.77 -28.58 10.12
N ASN B 43 -14.94 -29.45 9.12
CA ASN B 43 -14.08 -29.39 7.95
C ASN B 43 -14.61 -28.33 6.98
N PRO B 44 -13.71 -27.54 6.37
CA PRO B 44 -14.14 -26.50 5.43
C PRO B 44 -14.91 -26.99 4.20
N PHE B 45 -14.55 -28.18 3.72
CA PHE B 45 -15.18 -28.76 2.54
C PHE B 45 -16.59 -29.29 2.78
N ASP B 46 -17.50 -28.97 1.86
CA ASP B 46 -18.89 -29.43 1.92
C ASP B 46 -19.16 -30.29 0.70
N ALA B 47 -19.04 -31.61 0.88
CA ALA B 47 -19.27 -32.57 -0.20
C ALA B 47 -20.53 -32.31 -1.01
N LYS B 48 -21.63 -32.03 -0.31
CA LYS B 48 -22.91 -31.77 -0.96
C LYS B 48 -22.91 -30.60 -1.95
N ALA B 49 -21.92 -29.73 -1.85
CA ALA B 49 -21.90 -28.55 -2.73
C ALA B 49 -21.08 -28.69 -4.00
N TRP B 50 -20.26 -29.73 -4.08
CA TRP B 50 -19.41 -29.91 -5.25
C TRP B 50 -19.59 -31.21 -6.03
N ARG B 51 -19.16 -31.17 -7.30
CA ARG B 51 -19.21 -32.30 -8.20
C ARG B 51 -17.88 -32.34 -8.93
N LEU B 52 -17.29 -33.53 -9.05
CA LEU B 52 -16.02 -33.65 -9.74
C LEU B 52 -16.18 -33.22 -11.19
N VAL B 53 -15.12 -32.69 -11.77
CA VAL B 53 -15.14 -32.27 -13.17
C VAL B 53 -14.84 -33.52 -13.98
N ASP B 54 -15.50 -33.68 -15.13
CA ASP B 54 -15.26 -34.84 -15.98
C ASP B 54 -13.91 -34.75 -16.66
N GLY B 55 -13.25 -35.89 -16.83
CA GLY B 55 -11.97 -35.93 -17.49
C GLY B 55 -10.74 -35.82 -16.61
N PHE B 56 -10.92 -35.87 -15.29
CA PHE B 56 -9.77 -35.75 -14.41
C PHE B 56 -9.66 -36.87 -13.37
N ASP B 57 -10.19 -38.05 -13.71
CA ASP B 57 -10.15 -39.20 -12.81
C ASP B 57 -8.73 -39.58 -12.46
N ASP B 58 -7.78 -39.19 -13.30
CA ASP B 58 -6.38 -39.54 -13.09
C ASP B 58 -5.58 -38.63 -12.16
N LEU B 59 -6.21 -37.58 -11.64
CA LEU B 59 -5.51 -36.66 -10.73
C LEU B 59 -5.15 -37.37 -9.43
N THR B 60 -3.94 -37.15 -8.93
CA THR B 60 -3.51 -37.78 -7.69
C THR B 60 -3.09 -36.78 -6.61
N ASP B 61 -2.55 -35.64 -7.05
CA ASP B 61 -2.08 -34.62 -6.12
C ASP B 61 -3.00 -33.41 -6.02
N ILE B 62 -4.00 -33.36 -6.87
CA ILE B 62 -4.93 -32.23 -6.94
C ILE B 62 -6.36 -32.71 -7.11
N THR B 63 -7.32 -32.00 -6.49
CA THR B 63 -8.73 -32.33 -6.67
C THR B 63 -9.30 -31.17 -7.44
N TYR B 64 -10.27 -31.47 -8.30
CA TYR B 64 -10.89 -30.46 -9.15
C TYR B 64 -12.40 -30.69 -9.17
N HIS B 65 -13.15 -29.74 -8.60
CA HIS B 65 -14.60 -29.83 -8.56
C HIS B 65 -15.26 -28.59 -9.16
N ARG B 66 -16.51 -28.76 -9.55
CA ARG B 66 -17.34 -27.71 -10.11
C ARG B 66 -18.50 -27.62 -9.13
N HIS B 67 -18.91 -26.40 -8.78
CA HIS B 67 -20.02 -26.23 -7.86
C HIS B 67 -21.30 -26.75 -8.49
N VAL B 68 -22.18 -27.33 -7.68
CA VAL B 68 -23.44 -27.87 -8.18
C VAL B 68 -24.35 -26.85 -8.87
N ASP B 69 -24.23 -25.58 -8.48
CA ASP B 69 -25.08 -24.54 -9.07
C ASP B 69 -24.34 -23.31 -9.61
N ASP B 70 -23.29 -22.87 -8.91
CA ASP B 70 -22.54 -21.69 -9.31
C ASP B 70 -21.47 -21.88 -10.37
N ALA B 71 -21.11 -20.78 -11.02
CA ALA B 71 -20.09 -20.80 -12.05
C ALA B 71 -18.77 -20.69 -11.29
N THR B 72 -18.54 -21.62 -10.37
CA THR B 72 -17.35 -21.60 -9.54
C THR B 72 -16.73 -22.99 -9.44
N VAL B 73 -15.40 -23.06 -9.52
CA VAL B 73 -14.69 -24.33 -9.38
C VAL B 73 -13.80 -24.32 -8.14
N ARG B 74 -13.46 -25.51 -7.66
CA ARG B 74 -12.62 -25.65 -6.49
C ARG B 74 -11.40 -26.48 -6.86
N VAL B 75 -10.24 -25.84 -6.82
CA VAL B 75 -8.97 -26.47 -7.14
C VAL B 75 -8.21 -26.58 -5.83
N ALA B 76 -7.85 -27.80 -5.43
CA ALA B 76 -7.16 -27.96 -4.16
C ALA B 76 -6.00 -28.92 -4.17
N PHE B 77 -4.98 -28.59 -3.37
CA PHE B 77 -3.80 -29.42 -3.23
C PHE B 77 -4.29 -30.64 -2.46
N ASN B 78 -3.92 -31.83 -2.92
CA ASN B 78 -4.40 -33.05 -2.30
C ASN B 78 -3.32 -33.96 -1.76
N ARG B 79 -2.43 -33.40 -0.92
CA ARG B 79 -1.35 -34.16 -0.31
C ARG B 79 -1.23 -33.72 1.13
N PRO B 80 -2.33 -33.79 1.89
CA PRO B 80 -2.38 -33.39 3.31
C PRO B 80 -1.32 -34.10 4.13
N GLU B 81 -1.09 -35.38 3.80
CA GLU B 81 -0.10 -36.19 4.51
C GLU B 81 1.28 -35.53 4.49
N VAL B 82 1.50 -34.63 3.54
CA VAL B 82 2.78 -33.93 3.47
C VAL B 82 2.61 -32.41 3.46
N ARG B 83 1.60 -31.94 4.18
CA ARG B 83 1.34 -30.51 4.30
C ARG B 83 1.21 -29.86 2.94
N ASN B 84 0.55 -30.58 2.03
CA ASN B 84 0.32 -30.16 0.67
C ASN B 84 1.48 -29.52 -0.04
N ALA B 85 2.66 -30.12 0.13
CA ALA B 85 3.86 -29.64 -0.53
C ALA B 85 3.71 -30.14 -1.97
N PHE B 86 4.25 -29.41 -2.93
CA PHE B 86 4.13 -29.83 -4.32
C PHE B 86 5.42 -30.34 -4.92
N ARG B 87 5.30 -31.45 -5.64
CA ARG B 87 6.42 -32.07 -6.34
C ARG B 87 6.18 -31.75 -7.81
N PRO B 88 7.17 -32.02 -8.68
CA PRO B 88 6.98 -31.71 -10.10
C PRO B 88 5.64 -32.19 -10.65
N HIS B 89 5.24 -33.41 -10.27
CA HIS B 89 3.97 -33.97 -10.74
C HIS B 89 2.77 -33.13 -10.28
N THR B 90 2.89 -32.54 -9.10
CA THR B 90 1.82 -31.72 -8.55
C THR B 90 1.61 -30.47 -9.40
N VAL B 91 2.71 -29.85 -9.79
CA VAL B 91 2.68 -28.65 -10.61
C VAL B 91 2.05 -28.91 -11.97
N ASP B 92 2.35 -30.07 -12.55
CA ASP B 92 1.79 -30.48 -13.83
C ASP B 92 0.28 -30.58 -13.75
N GLU B 93 -0.22 -31.23 -12.70
CA GLU B 93 -1.67 -31.39 -12.54
C GLU B 93 -2.31 -30.04 -12.25
N LEU B 94 -1.66 -29.25 -11.39
CA LEU B 94 -2.19 -27.94 -11.05
C LEU B 94 -2.32 -27.08 -12.32
N TYR B 95 -1.27 -27.07 -13.13
CA TYR B 95 -1.30 -26.31 -14.38
C TYR B 95 -2.43 -26.78 -15.29
N ARG B 96 -2.55 -28.10 -15.45
CA ARG B 96 -3.58 -28.69 -16.30
C ARG B 96 -4.97 -28.28 -15.83
N VAL B 97 -5.21 -28.44 -14.53
CA VAL B 97 -6.49 -28.11 -13.96
C VAL B 97 -6.81 -26.62 -14.15
N LEU B 98 -5.90 -25.75 -13.73
CA LEU B 98 -6.12 -24.31 -13.87
C LEU B 98 -6.33 -23.91 -15.31
N ASP B 99 -5.57 -24.53 -16.22
CA ASP B 99 -5.70 -24.22 -17.64
C ASP B 99 -7.09 -24.61 -18.16
N HIS B 100 -7.62 -25.71 -17.64
CA HIS B 100 -8.94 -26.16 -18.05
C HIS B 100 -9.99 -25.19 -17.53
N ALA B 101 -9.79 -24.70 -16.32
CA ALA B 101 -10.73 -23.74 -15.73
C ALA B 101 -10.68 -22.44 -16.54
N ARG B 102 -9.49 -22.06 -16.96
CA ARG B 102 -9.31 -20.83 -17.73
C ARG B 102 -10.17 -20.87 -19.00
N MET B 103 -10.26 -22.06 -19.60
CA MET B 103 -11.00 -22.23 -20.85
C MET B 103 -12.46 -22.61 -20.69
N SER B 104 -12.93 -22.75 -19.45
CA SER B 104 -14.32 -23.09 -19.20
C SER B 104 -15.16 -21.82 -19.27
N PRO B 105 -15.87 -21.61 -20.38
CA PRO B 105 -16.73 -20.45 -20.62
C PRO B 105 -17.77 -20.16 -19.53
N ASP B 106 -18.24 -21.21 -18.88
CA ASP B 106 -19.26 -21.05 -17.85
C ASP B 106 -18.69 -20.94 -16.44
N VAL B 107 -17.38 -20.75 -16.32
CA VAL B 107 -16.74 -20.62 -15.02
C VAL B 107 -16.19 -19.21 -14.87
N GLY B 108 -16.63 -18.50 -13.83
CA GLY B 108 -16.14 -17.15 -13.63
C GLY B 108 -15.22 -16.95 -12.43
N VAL B 109 -15.24 -17.91 -11.51
CA VAL B 109 -14.41 -17.81 -10.30
C VAL B 109 -13.72 -19.14 -9.96
N VAL B 110 -12.44 -19.03 -9.61
CA VAL B 110 -11.66 -20.20 -9.24
C VAL B 110 -11.31 -20.08 -7.76
N LEU B 111 -11.62 -21.11 -6.99
CA LEU B 111 -11.28 -21.12 -5.57
C LEU B 111 -10.06 -22.04 -5.46
N LEU B 112 -8.93 -21.50 -5.01
CA LEU B 112 -7.71 -22.29 -4.85
C LEU B 112 -7.45 -22.52 -3.37
N THR B 113 -7.42 -23.78 -2.95
CA THR B 113 -7.23 -24.09 -1.54
C THR B 113 -6.45 -25.38 -1.32
N GLY B 114 -6.45 -25.87 -0.08
CA GLY B 114 -5.75 -27.10 0.23
C GLY B 114 -6.68 -28.01 1.00
N ASN B 115 -6.67 -29.30 0.68
CA ASN B 115 -7.52 -30.26 1.38
C ASN B 115 -6.87 -30.63 2.70
N GLY B 116 -7.68 -30.94 3.70
CA GLY B 116 -7.13 -31.32 5.00
C GLY B 116 -8.12 -32.08 5.86
N PRO B 117 -7.73 -32.46 7.09
CA PRO B 117 -6.41 -32.19 7.67
C PRO B 117 -5.42 -33.29 7.35
N SER B 118 -4.19 -33.15 7.85
CA SER B 118 -3.17 -34.15 7.64
C SER B 118 -3.61 -35.47 8.29
N PRO B 119 -3.70 -36.54 7.49
CA PRO B 119 -4.09 -37.85 7.99
C PRO B 119 -3.27 -38.28 9.20
N LYS B 120 -2.00 -37.89 9.23
CA LYS B 120 -1.09 -38.28 10.30
C LYS B 120 -0.56 -37.20 11.24
N ASP B 121 -1.40 -36.26 11.67
CA ASP B 121 -0.99 -35.22 12.62
C ASP B 121 -2.12 -34.22 12.84
N GLY B 122 -3.19 -34.41 12.07
CA GLY B 122 -4.36 -33.56 12.18
C GLY B 122 -4.13 -32.09 11.89
N GLY B 123 -2.96 -31.78 11.32
CA GLY B 123 -2.63 -30.40 11.02
C GLY B 123 -3.21 -29.94 9.69
N TRP B 124 -3.32 -28.63 9.53
CA TRP B 124 -3.86 -28.06 8.31
C TRP B 124 -2.80 -27.35 7.48
N ALA B 125 -2.98 -27.40 6.17
CA ALA B 125 -2.03 -26.76 5.26
C ALA B 125 -2.69 -26.44 3.94
N PHE B 126 -2.44 -25.24 3.42
CA PHE B 126 -2.96 -24.86 2.12
C PHE B 126 -1.95 -25.43 1.12
N CYS B 127 -0.69 -25.06 1.34
CA CYS B 127 0.43 -25.50 0.52
C CYS B 127 1.71 -25.07 1.24
N SER B 128 2.59 -26.04 1.49
CA SER B 128 3.84 -25.74 2.19
C SER B 128 5.02 -25.56 1.26
N GLY B 129 4.76 -25.44 -0.04
CA GLY B 129 5.84 -25.25 -1.00
C GLY B 129 6.40 -26.50 -1.63
N GLY B 130 7.56 -26.37 -2.27
CA GLY B 130 8.18 -27.51 -2.92
C GLY B 130 8.39 -28.69 -2.00
N HIS B 160 8.30 -24.54 -13.51
CA HIS B 160 6.95 -24.81 -14.00
C HIS B 160 5.98 -24.02 -13.12
N ILE B 161 6.29 -23.89 -11.83
CA ILE B 161 5.41 -23.17 -10.92
C ILE B 161 5.27 -21.72 -11.36
N LEU B 162 6.32 -21.18 -11.99
CA LEU B 162 6.26 -19.80 -12.48
C LEU B 162 5.17 -19.72 -13.54
N GLU B 163 5.04 -20.79 -14.32
CA GLU B 163 4.03 -20.83 -15.37
C GLU B 163 2.65 -20.87 -14.72
N VAL B 164 2.53 -21.59 -13.60
CA VAL B 164 1.25 -21.64 -12.91
C VAL B 164 0.90 -20.22 -12.43
N GLN B 165 1.90 -19.49 -11.96
CA GLN B 165 1.69 -18.12 -11.48
C GLN B 165 1.13 -17.23 -12.59
N ARG B 166 1.71 -17.32 -13.78
CA ARG B 166 1.25 -16.51 -14.90
C ARG B 166 -0.15 -16.92 -15.34
N LEU B 167 -0.45 -18.22 -15.25
CA LEU B 167 -1.77 -18.72 -15.63
C LEU B 167 -2.82 -18.07 -14.74
N ILE B 168 -2.54 -18.01 -13.43
CA ILE B 168 -3.44 -17.42 -12.46
C ILE B 168 -3.54 -15.91 -12.73
N ARG B 169 -2.39 -15.31 -13.01
CA ARG B 169 -2.30 -13.88 -13.29
C ARG B 169 -3.05 -13.44 -14.54
N PHE B 170 -2.86 -14.18 -15.63
CA PHE B 170 -3.47 -13.84 -16.92
C PHE B 170 -4.87 -14.36 -17.20
N MET B 171 -5.35 -15.37 -16.47
CA MET B 171 -6.68 -15.87 -16.80
C MET B 171 -7.76 -14.83 -16.49
N PRO B 172 -8.70 -14.66 -17.44
CA PRO B 172 -9.81 -13.71 -17.34
C PRO B 172 -10.91 -14.14 -16.39
N LYS B 173 -10.52 -14.58 -15.20
CA LYS B 173 -11.46 -15.02 -14.17
C LYS B 173 -10.82 -14.64 -12.84
N VAL B 174 -11.64 -14.45 -11.82
CA VAL B 174 -11.11 -14.10 -10.52
C VAL B 174 -10.67 -15.34 -9.76
N VAL B 175 -9.42 -15.35 -9.32
CA VAL B 175 -8.90 -16.47 -8.56
C VAL B 175 -8.79 -16.08 -7.10
N ILE B 176 -9.56 -16.77 -6.26
CA ILE B 176 -9.58 -16.52 -4.82
C ILE B 176 -8.84 -17.64 -4.12
N CYS B 177 -7.82 -17.29 -3.35
CA CYS B 177 -7.07 -18.29 -2.63
C CYS B 177 -7.68 -18.43 -1.24
N LEU B 178 -8.01 -19.64 -0.85
CA LEU B 178 -8.58 -19.88 0.47
C LEU B 178 -7.50 -20.56 1.29
N VAL B 179 -6.82 -19.78 2.14
CA VAL B 179 -5.75 -20.32 2.96
C VAL B 179 -6.36 -20.98 4.20
N ASN B 180 -6.42 -22.30 4.14
CA ASN B 180 -6.99 -23.12 5.21
C ASN B 180 -5.93 -23.58 6.23
N GLY B 181 -4.65 -23.36 5.93
CA GLY B 181 -3.61 -23.79 6.84
C GLY B 181 -2.28 -23.12 6.56
N TRP B 182 -1.20 -23.90 6.61
CA TRP B 182 0.11 -23.35 6.33
C TRP B 182 0.24 -22.94 4.88
N ALA B 183 0.77 -21.73 4.67
CA ALA B 183 1.02 -21.18 3.34
C ALA B 183 2.49 -20.75 3.38
N ALA B 184 3.38 -21.68 3.04
CA ALA B 184 4.80 -21.41 3.10
C ALA B 184 5.54 -21.61 1.77
N GLY B 185 6.65 -20.88 1.62
CA GLY B 185 7.45 -20.99 0.41
C GLY B 185 6.63 -20.75 -0.84
N GLY B 186 6.72 -21.67 -1.78
CA GLY B 186 5.99 -21.55 -3.03
C GLY B 186 4.49 -21.45 -2.80
N GLY B 187 4.02 -22.06 -1.71
CA GLY B 187 2.61 -22.01 -1.39
C GLY B 187 2.22 -20.58 -1.03
N HIS B 188 3.13 -19.89 -0.35
CA HIS B 188 2.86 -18.50 0.03
C HIS B 188 2.81 -17.64 -1.23
N SER B 189 3.73 -17.88 -2.16
CA SER B 189 3.77 -17.12 -3.40
C SER B 189 2.51 -17.30 -4.23
N LEU B 190 1.92 -18.50 -4.17
CA LEU B 190 0.70 -18.75 -4.92
C LEU B 190 -0.43 -17.89 -4.38
N HIS B 191 -0.49 -17.74 -3.07
CA HIS B 191 -1.54 -16.93 -2.45
C HIS B 191 -1.37 -15.46 -2.85
N VAL B 192 -0.12 -15.02 -2.89
CA VAL B 192 0.19 -13.64 -3.23
C VAL B 192 -0.28 -13.26 -4.63
N VAL B 193 -0.10 -14.16 -5.59
CA VAL B 193 -0.47 -13.88 -6.97
C VAL B 193 -1.96 -13.99 -7.24
N CYS B 194 -2.70 -14.66 -6.35
CA CYS B 194 -4.13 -14.76 -6.55
C CYS B 194 -4.76 -13.37 -6.42
N ASP B 195 -5.89 -13.16 -7.09
CA ASP B 195 -6.57 -11.88 -7.06
C ASP B 195 -7.06 -11.48 -5.68
N LEU B 196 -7.53 -12.46 -4.93
CA LEU B 196 -8.06 -12.23 -3.59
C LEU B 196 -7.66 -13.38 -2.67
N THR B 197 -7.57 -13.10 -1.37
CA THR B 197 -7.24 -14.14 -0.41
C THR B 197 -8.14 -14.04 0.83
N LEU B 198 -8.70 -15.19 1.22
CA LEU B 198 -9.52 -15.31 2.41
C LEU B 198 -8.74 -16.32 3.25
N ALA B 199 -8.73 -16.16 4.56
CA ALA B 199 -7.96 -17.09 5.38
C ALA B 199 -8.62 -17.56 6.65
N SER B 200 -8.30 -18.80 7.03
CA SER B 200 -8.82 -19.41 8.24
C SER B 200 -8.25 -18.71 9.47
N ARG B 201 -9.12 -18.11 10.29
CA ARG B 201 -8.63 -17.43 11.47
C ARG B 201 -7.78 -18.31 12.38
N GLU B 202 -8.29 -19.50 12.67
CA GLU B 202 -7.59 -20.42 13.54
C GLU B 202 -6.35 -21.09 12.97
N TYR B 203 -6.42 -21.56 11.74
CA TYR B 203 -5.29 -22.30 11.18
C TYR B 203 -4.42 -21.71 10.07
N ALA B 204 -4.83 -20.61 9.46
CA ALA B 204 -4.01 -20.04 8.40
C ALA B 204 -2.69 -19.59 9.00
N ARG B 205 -1.59 -19.92 8.34
CA ARG B 205 -0.26 -19.54 8.79
C ARG B 205 0.57 -19.14 7.59
N PHE B 206 1.00 -17.87 7.57
CA PHE B 206 1.81 -17.36 6.46
C PHE B 206 3.28 -17.27 6.83
N LYS B 207 4.11 -17.87 5.99
CA LYS B 207 5.55 -17.88 6.23
C LYS B 207 6.32 -17.99 4.93
N GLN B 208 7.11 -16.97 4.62
CA GLN B 208 7.92 -16.98 3.42
C GLN B 208 9.26 -17.59 3.81
N THR B 209 9.38 -18.89 3.59
CA THR B 209 10.59 -19.63 3.94
C THR B 209 11.70 -19.66 2.90
N ASP B 210 11.45 -19.19 1.69
CA ASP B 210 12.47 -19.23 0.65
C ASP B 210 13.86 -18.78 1.11
N ALA B 211 13.95 -17.58 1.69
CA ALA B 211 15.23 -17.03 2.13
C ALA B 211 16.07 -17.98 2.99
N ASP B 212 15.43 -18.66 3.94
CA ASP B 212 16.17 -19.58 4.79
C ASP B 212 16.29 -20.96 4.14
N VAL B 213 15.93 -21.02 2.86
CA VAL B 213 16.02 -22.27 2.09
C VAL B 213 17.08 -22.05 1.01
N GLY B 214 17.58 -20.82 0.92
CA GLY B 214 18.59 -20.50 -0.07
C GLY B 214 17.95 -20.15 -1.40
N SER B 215 16.66 -20.43 -1.52
CA SER B 215 15.92 -20.14 -2.75
C SER B 215 15.16 -18.82 -2.60
N PHE B 216 14.56 -18.35 -3.69
CA PHE B 216 13.80 -17.11 -3.64
C PHE B 216 12.97 -16.85 -4.88
N ASP B 217 11.88 -16.12 -4.69
CA ASP B 217 10.98 -15.75 -5.77
C ASP B 217 11.10 -14.24 -5.91
N GLY B 218 11.85 -13.78 -6.91
CA GLY B 218 12.02 -12.35 -7.11
C GLY B 218 11.00 -11.74 -8.03
N GLY B 219 9.85 -12.42 -8.19
CA GLY B 219 8.81 -11.91 -9.06
C GLY B 219 7.49 -11.64 -8.38
N TYR B 220 6.47 -12.42 -8.75
CA TYR B 220 5.15 -12.24 -8.15
C TYR B 220 5.13 -12.60 -6.68
N GLY B 221 5.95 -13.57 -6.28
CA GLY B 221 5.99 -13.95 -4.88
C GLY B 221 6.45 -12.83 -3.96
N SER B 222 7.44 -12.05 -4.41
CA SER B 222 8.00 -10.97 -3.61
C SER B 222 7.58 -9.57 -4.02
N ALA B 223 8.13 -9.10 -5.13
CA ALA B 223 7.84 -7.77 -5.62
C ALA B 223 6.35 -7.44 -5.59
N TYR B 224 5.53 -8.38 -6.06
CA TYR B 224 4.09 -8.14 -6.08
C TYR B 224 3.47 -8.06 -4.69
N LEU B 225 4.08 -8.74 -3.71
CA LEU B 225 3.58 -8.68 -2.34
C LEU B 225 3.66 -7.21 -1.87
N ALA B 226 4.70 -6.52 -2.32
CA ALA B 226 4.89 -5.11 -1.96
C ALA B 226 3.74 -4.24 -2.48
N ARG B 227 3.12 -4.65 -3.58
CA ARG B 227 2.00 -3.91 -4.13
C ARG B 227 0.73 -4.18 -3.32
N GLN B 228 0.86 -5.02 -2.31
CA GLN B 228 -0.27 -5.36 -1.45
C GLN B 228 -0.09 -4.84 -0.03
N VAL B 229 1.08 -5.04 0.56
CA VAL B 229 1.30 -4.59 1.94
C VAL B 229 2.24 -3.39 2.07
N GLY B 230 2.80 -2.93 0.95
CA GLY B 230 3.72 -1.83 0.99
C GLY B 230 5.15 -2.34 1.06
N GLN B 231 6.12 -1.49 0.72
CA GLN B 231 7.52 -1.91 0.72
C GLN B 231 8.12 -2.31 2.07
N LYS B 232 7.71 -1.65 3.16
CA LYS B 232 8.25 -2.00 4.49
C LYS B 232 7.83 -3.40 4.92
N PHE B 233 6.53 -3.65 4.93
CA PHE B 233 6.03 -4.95 5.35
C PHE B 233 6.46 -6.10 4.42
N ALA B 234 6.52 -5.84 3.13
CA ALA B 234 6.91 -6.89 2.19
C ALA B 234 8.35 -7.32 2.47
N ARG B 235 9.23 -6.33 2.67
CA ARG B 235 10.64 -6.61 2.96
C ARG B 235 10.78 -7.38 4.27
N GLU B 236 9.98 -7.02 5.26
CA GLU B 236 10.01 -7.70 6.56
C GLU B 236 9.63 -9.18 6.36
N ILE B 237 8.48 -9.40 5.72
CA ILE B 237 7.99 -10.75 5.48
C ILE B 237 9.03 -11.66 4.85
N PHE B 238 9.76 -11.16 3.85
CA PHE B 238 10.79 -11.95 3.18
C PHE B 238 12.14 -12.00 3.90
N PHE B 239 12.60 -10.86 4.42
CA PHE B 239 13.91 -10.83 5.08
C PHE B 239 13.99 -11.68 6.36
N LEU B 240 12.95 -11.63 7.19
CA LEU B 240 12.97 -12.40 8.44
C LEU B 240 12.28 -13.77 8.35
N GLY B 241 11.36 -13.92 7.40
CA GLY B 241 10.67 -15.19 7.25
C GLY B 241 9.90 -15.62 8.48
N ARG B 242 9.26 -14.67 9.15
CA ARG B 242 8.50 -15.01 10.34
C ARG B 242 7.15 -15.58 9.94
N THR B 243 6.46 -16.17 10.92
CA THR B 243 5.14 -16.75 10.70
C THR B 243 4.09 -15.74 11.13
N TYR B 244 3.07 -15.55 10.31
CA TYR B 244 2.01 -14.60 10.62
C TYR B 244 0.65 -15.28 10.56
N THR B 245 -0.30 -14.74 11.33
CA THR B 245 -1.66 -15.27 11.36
C THR B 245 -2.49 -14.57 10.30
N ALA B 246 -3.72 -15.06 10.12
CA ALA B 246 -4.65 -14.51 9.15
C ALA B 246 -4.94 -13.06 9.50
N GLU B 247 -5.14 -12.79 10.79
CA GLU B 247 -5.44 -11.44 11.22
C GLU B 247 -4.30 -10.46 10.95
N GLN B 248 -3.07 -10.88 11.21
CA GLN B 248 -1.90 -10.02 11.00
C GLN B 248 -1.73 -9.72 9.51
N MET B 249 -1.85 -10.74 8.68
CA MET B 249 -1.71 -10.58 7.24
C MET B 249 -2.86 -9.71 6.72
N HIS B 250 -4.03 -9.81 7.35
CA HIS B 250 -5.17 -8.98 6.95
C HIS B 250 -4.88 -7.51 7.27
N GLN B 251 -4.29 -7.27 8.43
CA GLN B 251 -3.95 -5.91 8.84
C GLN B 251 -2.95 -5.29 7.88
N MET B 252 -2.00 -6.09 7.41
CA MET B 252 -1.00 -5.58 6.49
C MET B 252 -1.54 -5.42 5.06
N GLY B 253 -2.67 -6.05 4.74
CA GLY B 253 -3.24 -5.89 3.42
C GLY B 253 -3.07 -7.00 2.39
N ALA B 254 -2.50 -8.14 2.80
CA ALA B 254 -2.30 -9.26 1.90
C ALA B 254 -3.45 -10.27 1.98
N VAL B 255 -4.30 -10.14 3.00
CA VAL B 255 -5.46 -11.01 3.19
C VAL B 255 -6.72 -10.14 3.19
N ASN B 256 -7.64 -10.40 2.28
CA ASN B 256 -8.87 -9.62 2.17
C ASN B 256 -9.78 -9.74 3.38
N ALA B 257 -9.93 -10.95 3.91
CA ALA B 257 -10.79 -11.15 5.06
C ALA B 257 -10.49 -12.46 5.78
N VAL B 258 -10.79 -12.46 7.07
CA VAL B 258 -10.58 -13.64 7.91
C VAL B 258 -11.94 -14.31 8.11
N ALA B 259 -11.95 -15.64 8.11
CA ALA B 259 -13.19 -16.37 8.30
C ALA B 259 -12.97 -17.56 9.23
N GLU B 260 -14.04 -18.03 9.87
CA GLU B 260 -13.96 -19.19 10.75
C GLU B 260 -13.51 -20.34 9.87
N HIS B 261 -12.58 -21.16 10.38
CA HIS B 261 -12.06 -22.28 9.62
C HIS B 261 -13.15 -23.11 8.95
N ALA B 262 -14.17 -23.50 9.72
CA ALA B 262 -15.27 -24.30 9.20
C ALA B 262 -16.08 -23.61 8.12
N GLU B 263 -15.94 -22.30 8.00
CA GLU B 263 -16.72 -21.57 7.01
C GLU B 263 -15.92 -20.97 5.88
N LEU B 264 -14.61 -21.18 5.90
CA LEU B 264 -13.74 -20.63 4.88
C LEU B 264 -14.29 -20.81 3.46
N GLU B 265 -14.72 -22.02 3.13
CA GLU B 265 -15.25 -22.30 1.80
C GLU B 265 -16.65 -21.75 1.63
N THR B 266 -17.45 -21.75 2.69
CA THR B 266 -18.80 -21.21 2.60
C THR B 266 -18.68 -19.72 2.29
N VAL B 267 -17.74 -19.05 2.96
CA VAL B 267 -17.54 -17.63 2.72
C VAL B 267 -16.96 -17.44 1.32
N GLY B 268 -16.06 -18.34 0.95
CA GLY B 268 -15.46 -18.27 -0.38
C GLY B 268 -16.53 -18.32 -1.48
N LEU B 269 -17.52 -19.20 -1.31
CA LEU B 269 -18.59 -19.33 -2.30
C LEU B 269 -19.47 -18.09 -2.32
N GLN B 270 -19.65 -17.46 -1.17
CA GLN B 270 -20.46 -16.26 -1.10
C GLN B 270 -19.74 -15.15 -1.88
N TRP B 271 -18.43 -15.06 -1.74
CA TRP B 271 -17.65 -14.07 -2.47
C TRP B 271 -17.70 -14.39 -3.96
N ALA B 272 -17.59 -15.66 -4.30
CA ALA B 272 -17.66 -16.08 -5.69
C ALA B 272 -19.03 -15.73 -6.28
N ALA B 273 -20.08 -15.91 -5.49
CA ALA B 273 -21.43 -15.61 -5.95
C ALA B 273 -21.57 -14.12 -6.27
N GLU B 274 -21.07 -13.26 -5.40
CA GLU B 274 -21.16 -11.82 -5.63
C GLU B 274 -20.39 -11.39 -6.88
N ILE B 275 -19.26 -12.04 -7.11
CA ILE B 275 -18.44 -11.74 -8.28
C ILE B 275 -19.16 -12.19 -9.54
N ASN B 276 -19.71 -13.40 -9.51
CA ASN B 276 -20.43 -13.95 -10.66
C ASN B 276 -21.74 -13.24 -10.97
N ALA B 277 -22.31 -12.56 -9.98
CA ALA B 277 -23.57 -11.86 -10.19
C ALA B 277 -23.40 -10.60 -11.03
N LYS B 278 -22.15 -10.25 -11.36
CA LYS B 278 -21.91 -9.05 -12.14
C LYS B 278 -21.54 -9.34 -13.59
N SER B 279 -21.45 -8.29 -14.40
CA SER B 279 -21.10 -8.44 -15.80
C SER B 279 -19.74 -9.12 -15.96
N PRO B 280 -19.72 -10.31 -16.58
CA PRO B 280 -18.47 -11.06 -16.77
C PRO B 280 -17.45 -10.24 -17.56
N GLN B 281 -17.92 -9.55 -18.59
CA GLN B 281 -17.06 -8.71 -19.42
C GLN B 281 -16.39 -7.64 -18.56
N ALA B 282 -17.18 -7.04 -17.67
CA ALA B 282 -16.69 -5.99 -16.79
C ALA B 282 -15.62 -6.53 -15.84
N GLN B 283 -15.87 -7.71 -15.27
CA GLN B 283 -14.92 -8.32 -14.37
C GLN B 283 -13.61 -8.58 -15.10
N ARG B 284 -13.68 -9.12 -16.32
CA ARG B 284 -12.47 -9.38 -17.10
C ARG B 284 -11.67 -8.09 -17.31
N MET B 285 -12.35 -7.04 -17.74
CA MET B 285 -11.73 -5.74 -18.02
C MET B 285 -11.09 -5.15 -16.76
N LEU B 286 -11.79 -5.27 -15.64
CA LEU B 286 -11.28 -4.76 -14.38
C LEU B 286 -10.00 -5.49 -13.96
N LYS B 287 -10.02 -6.82 -13.97
CA LYS B 287 -8.83 -7.57 -13.60
C LYS B 287 -7.62 -7.12 -14.41
N PHE B 288 -7.76 -7.06 -15.73
CA PHE B 288 -6.66 -6.64 -16.58
C PHE B 288 -6.30 -5.17 -16.40
N ALA B 289 -7.26 -4.37 -15.94
CA ALA B 289 -6.98 -2.96 -15.68
C ALA B 289 -6.10 -2.91 -14.43
N PHE B 290 -6.41 -3.75 -13.44
CA PHE B 290 -5.61 -3.79 -12.23
C PHE B 290 -4.21 -4.36 -12.50
N ASN B 291 -4.13 -5.32 -13.41
CA ASN B 291 -2.83 -5.94 -13.77
C ASN B 291 -1.94 -4.96 -14.55
N LEU B 292 -2.55 -4.20 -15.44
CA LEU B 292 -1.86 -3.25 -16.30
C LEU B 292 -0.92 -2.34 -15.52
N LEU B 293 -1.29 -2.01 -14.29
CA LEU B 293 -0.47 -1.16 -13.45
C LEU B 293 0.95 -1.67 -13.24
N ASP B 294 1.13 -2.97 -13.26
CA ASP B 294 2.43 -3.55 -12.97
C ASP B 294 2.97 -4.53 -13.99
N ASP B 295 2.15 -4.94 -14.95
CA ASP B 295 2.59 -5.92 -15.95
C ASP B 295 3.12 -5.32 -17.25
N GLY B 296 3.33 -4.00 -17.27
CA GLY B 296 3.86 -3.36 -18.47
C GLY B 296 3.20 -3.79 -19.79
N LEU B 297 4.03 -4.09 -20.78
CA LEU B 297 3.55 -4.51 -22.09
C LEU B 297 2.66 -5.74 -22.06
N VAL B 298 2.97 -6.69 -21.19
CA VAL B 298 2.14 -7.88 -21.11
C VAL B 298 0.76 -7.43 -20.64
N GLY B 299 0.73 -6.58 -19.63
CA GLY B 299 -0.53 -6.07 -19.11
C GLY B 299 -1.30 -5.32 -20.20
N GLN B 300 -0.60 -4.54 -21.00
CA GLN B 300 -1.27 -3.81 -22.07
C GLN B 300 -1.84 -4.77 -23.09
N GLN B 301 -1.08 -5.79 -23.47
CA GLN B 301 -1.53 -6.77 -24.43
C GLN B 301 -2.84 -7.43 -24.01
N LEU B 302 -2.93 -7.83 -22.74
CA LEU B 302 -4.13 -8.49 -22.24
C LEU B 302 -5.32 -7.53 -22.16
N PHE B 303 -5.10 -6.31 -21.69
CA PHE B 303 -6.19 -5.35 -21.59
C PHE B 303 -6.64 -4.93 -22.98
N ALA B 304 -5.69 -4.50 -23.81
CA ALA B 304 -5.99 -4.09 -25.17
C ALA B 304 -6.63 -5.26 -25.91
N GLY B 305 -6.19 -6.46 -25.56
CA GLY B 305 -6.73 -7.66 -26.18
C GLY B 305 -8.23 -7.65 -26.01
N GLU B 306 -8.71 -7.39 -24.80
CA GLU B 306 -10.13 -7.35 -24.52
C GLU B 306 -10.79 -6.19 -25.28
N ALA B 307 -10.12 -5.05 -25.33
CA ALA B 307 -10.65 -3.89 -26.03
C ALA B 307 -10.86 -4.22 -27.51
N THR B 308 -9.87 -4.85 -28.13
CA THR B 308 -10.00 -5.20 -29.55
C THR B 308 -11.24 -6.06 -29.70
N ARG B 309 -11.39 -7.03 -28.81
CA ARG B 309 -12.54 -7.92 -28.84
C ARG B 309 -13.81 -7.08 -28.89
N LEU B 310 -13.91 -6.11 -27.98
CA LEU B 310 -15.07 -5.23 -27.92
C LEU B 310 -15.29 -4.53 -29.27
N ASP C 42 17.21 3.81 31.61
CA ASP C 42 16.62 3.00 30.51
C ASP C 42 17.03 3.47 29.11
N ASN C 43 18.32 3.40 28.83
CA ASN C 43 18.84 3.80 27.53
C ASN C 43 18.85 2.60 26.58
N PRO C 44 18.39 2.80 25.32
CA PRO C 44 18.35 1.72 24.34
C PRO C 44 19.73 1.09 24.10
N PHE C 45 20.76 1.90 24.24
CA PHE C 45 22.13 1.45 24.00
C PHE C 45 22.69 0.56 25.10
N ASP C 46 23.14 -0.61 24.70
CA ASP C 46 23.74 -1.58 25.62
C ASP C 46 25.21 -1.66 25.23
N ALA C 47 26.03 -0.84 25.87
CA ALA C 47 27.45 -0.76 25.58
C ALA C 47 28.22 -2.09 25.48
N LYS C 48 27.95 -3.01 26.40
CA LYS C 48 28.67 -4.27 26.41
C LYS C 48 28.58 -5.07 25.11
N ALA C 49 27.50 -4.88 24.35
CA ALA C 49 27.31 -5.62 23.11
C ALA C 49 28.06 -5.07 21.89
N TRP C 50 28.70 -3.93 22.03
CA TRP C 50 29.38 -3.33 20.89
C TRP C 50 30.86 -3.00 21.03
N ARG C 51 31.55 -2.95 19.90
CA ARG C 51 32.97 -2.63 19.83
C ARG C 51 33.17 -1.59 18.75
N LEU C 52 34.05 -0.62 19.00
CA LEU C 52 34.33 0.42 18.02
C LEU C 52 35.00 -0.22 16.79
N VAL C 53 34.71 0.31 15.62
CA VAL C 53 35.29 -0.21 14.40
C VAL C 53 36.65 0.46 14.20
N ASP C 54 37.68 -0.34 13.98
CA ASP C 54 39.01 0.19 13.79
C ASP C 54 39.05 1.17 12.63
N GLY C 55 39.75 2.28 12.83
CA GLY C 55 39.88 3.28 11.79
C GLY C 55 38.91 4.45 11.88
N PHE C 56 38.16 4.55 12.97
CA PHE C 56 37.22 5.66 13.09
C PHE C 56 37.24 6.41 14.42
N ASP C 57 38.42 6.59 15.00
CA ASP C 57 38.54 7.33 16.27
C ASP C 57 38.28 8.80 16.05
N ASP C 58 38.45 9.24 14.81
CA ASP C 58 38.28 10.64 14.46
C ASP C 58 36.82 11.10 14.30
N LEU C 59 35.87 10.18 14.40
CA LEU C 59 34.47 10.54 14.25
C LEU C 59 34.00 11.44 15.39
N THR C 60 33.18 12.44 15.09
CA THR C 60 32.69 13.35 16.11
C THR C 60 31.17 13.48 16.11
N ASP C 61 30.55 13.33 14.93
CA ASP C 61 29.10 13.47 14.79
C ASP C 61 28.36 12.13 14.64
N ILE C 62 29.13 11.06 14.45
CA ILE C 62 28.58 9.72 14.26
C ILE C 62 29.38 8.68 15.06
N THR C 63 28.68 7.69 15.62
CA THR C 63 29.37 6.60 16.33
C THR C 63 29.21 5.37 15.43
N TYR C 64 30.23 4.52 15.40
CA TYR C 64 30.22 3.35 14.55
C TYR C 64 30.71 2.13 15.32
N HIS C 65 29.81 1.19 15.59
CA HIS C 65 30.18 -0.02 16.31
C HIS C 65 29.87 -1.29 15.54
N ARG C 66 30.57 -2.36 15.89
CA ARG C 66 30.37 -3.67 15.30
C ARG C 66 29.96 -4.55 16.47
N HIS C 67 28.91 -5.34 16.29
CA HIS C 67 28.44 -6.21 17.38
C HIS C 67 29.53 -7.21 17.78
N VAL C 68 29.59 -7.54 19.06
CA VAL C 68 30.61 -8.47 19.55
C VAL C 68 30.54 -9.86 18.95
N ASP C 69 29.34 -10.28 18.53
CA ASP C 69 29.19 -11.60 17.95
C ASP C 69 28.51 -11.62 16.58
N ASP C 70 27.48 -10.80 16.40
CA ASP C 70 26.75 -10.79 15.14
C ASP C 70 27.38 -10.03 13.99
N ALA C 71 26.94 -10.38 12.78
CA ALA C 71 27.40 -9.73 11.57
C ALA C 71 26.48 -8.51 11.43
N THR C 72 26.47 -7.66 12.47
CA THR C 72 25.62 -6.47 12.49
C THR C 72 26.39 -5.25 12.99
N VAL C 73 26.15 -4.09 12.38
CA VAL C 73 26.81 -2.87 12.82
C VAL C 73 25.77 -1.85 13.30
N ARG C 74 26.22 -0.91 14.14
CA ARG C 74 25.37 0.14 14.68
C ARG C 74 25.93 1.49 14.26
N VAL C 75 25.18 2.20 13.43
CA VAL C 75 25.59 3.51 12.96
C VAL C 75 24.60 4.49 13.57
N ALA C 76 25.10 5.47 14.32
CA ALA C 76 24.21 6.42 14.96
C ALA C 76 24.65 7.87 14.95
N PHE C 77 23.65 8.75 14.89
CA PHE C 77 23.90 10.18 14.94
C PHE C 77 24.36 10.43 16.36
N ASN C 78 25.44 11.20 16.50
CA ASN C 78 25.99 11.48 17.81
C ASN C 78 26.01 12.95 18.19
N ARG C 79 24.87 13.62 18.00
CA ARG C 79 24.73 15.04 18.35
C ARG C 79 23.41 15.27 19.10
N PRO C 80 23.21 14.53 20.20
CA PRO C 80 22.00 14.63 21.03
C PRO C 80 21.70 16.05 21.49
N GLU C 81 22.76 16.80 21.80
CA GLU C 81 22.61 18.18 22.26
C GLU C 81 21.83 19.00 21.25
N VAL C 82 21.98 18.68 19.97
CA VAL C 82 21.26 19.39 18.93
C VAL C 82 20.26 18.47 18.22
N ARG C 83 19.60 17.62 19.01
CA ARG C 83 18.61 16.68 18.52
C ARG C 83 19.08 15.90 17.30
N ASN C 84 20.36 15.57 17.28
CA ASN C 84 20.95 14.81 16.19
C ASN C 84 20.71 15.38 14.81
N ALA C 85 20.70 16.71 14.71
CA ALA C 85 20.53 17.35 13.43
C ALA C 85 21.86 17.13 12.73
N PHE C 86 21.86 17.03 11.41
CA PHE C 86 23.11 16.84 10.70
C PHE C 86 23.58 18.09 9.97
N ARG C 87 24.86 18.35 10.08
CA ARG C 87 25.50 19.47 9.41
C ARG C 87 26.32 18.82 8.32
N PRO C 88 26.85 19.62 7.36
CA PRO C 88 27.64 19.04 6.28
C PRO C 88 28.67 18.02 6.74
N HIS C 89 29.33 18.30 7.86
CA HIS C 89 30.35 17.39 8.37
C HIS C 89 29.72 16.06 8.83
N THR C 90 28.50 16.13 9.35
CA THR C 90 27.82 14.93 9.80
C THR C 90 27.58 14.00 8.63
N VAL C 91 27.10 14.57 7.52
CA VAL C 91 26.82 13.81 6.31
C VAL C 91 28.07 13.12 5.79
N ASP C 92 29.20 13.80 5.85
CA ASP C 92 30.47 13.24 5.41
C ASP C 92 30.82 11.99 6.20
N GLU C 93 30.72 12.07 7.52
CA GLU C 93 31.05 10.93 8.36
C GLU C 93 30.03 9.81 8.14
N LEU C 94 28.75 10.16 8.12
CA LEU C 94 27.70 9.16 7.92
C LEU C 94 27.96 8.39 6.62
N TYR C 95 28.32 9.11 5.55
CA TYR C 95 28.59 8.48 4.26
C TYR C 95 29.81 7.57 4.35
N ARG C 96 30.87 8.06 4.99
CA ARG C 96 32.10 7.27 5.14
C ARG C 96 31.82 5.99 5.90
N VAL C 97 31.11 6.11 7.01
CA VAL C 97 30.78 4.97 7.84
C VAL C 97 29.93 3.95 7.09
N LEU C 98 28.83 4.41 6.49
CA LEU C 98 27.93 3.51 5.75
C LEU C 98 28.63 2.86 4.56
N ASP C 99 29.52 3.60 3.91
CA ASP C 99 30.24 3.07 2.77
C ASP C 99 31.18 1.96 3.23
N HIS C 100 31.75 2.14 4.41
CA HIS C 100 32.64 1.13 4.97
C HIS C 100 31.83 -0.11 5.35
N ALA C 101 30.64 0.10 5.89
CA ALA C 101 29.78 -1.02 6.27
C ALA C 101 29.39 -1.79 5.00
N ARG C 102 29.11 -1.05 3.94
CA ARG C 102 28.73 -1.61 2.65
C ARG C 102 29.80 -2.56 2.14
N MET C 103 31.06 -2.20 2.37
CA MET C 103 32.17 -3.01 1.90
C MET C 103 32.69 -4.03 2.89
N SER C 104 32.04 -4.16 4.04
CA SER C 104 32.47 -5.16 5.03
C SER C 104 31.79 -6.49 4.71
N PRO C 105 32.56 -7.44 4.18
CA PRO C 105 32.09 -8.78 3.79
C PRO C 105 31.37 -9.55 4.90
N ASP C 106 31.80 -9.36 6.13
CA ASP C 106 31.22 -10.05 7.27
C ASP C 106 30.05 -9.35 7.94
N VAL C 107 29.58 -8.25 7.34
CA VAL C 107 28.45 -7.51 7.88
C VAL C 107 27.23 -7.71 6.99
N GLY C 108 26.13 -8.17 7.56
CA GLY C 108 24.95 -8.41 6.76
C GLY C 108 23.80 -7.48 7.10
N VAL C 109 23.88 -6.82 8.25
CA VAL C 109 22.83 -5.91 8.68
C VAL C 109 23.37 -4.63 9.30
N VAL C 110 22.75 -3.51 8.95
CA VAL C 110 23.13 -2.20 9.47
C VAL C 110 21.97 -1.64 10.28
N LEU C 111 22.26 -1.29 11.53
CA LEU C 111 21.26 -0.69 12.39
C LEU C 111 21.57 0.82 12.41
N LEU C 112 20.66 1.62 11.88
CA LEU C 112 20.84 3.07 11.81
C LEU C 112 19.94 3.73 12.85
N THR C 113 20.54 4.43 13.81
CA THR C 113 19.75 5.05 14.86
C THR C 113 20.38 6.37 15.36
N GLY C 114 19.87 6.88 16.47
CA GLY C 114 20.39 8.10 17.05
C GLY C 114 20.70 7.92 18.52
N ASN C 115 21.85 8.41 18.96
CA ASN C 115 22.21 8.29 20.37
C ASN C 115 21.44 9.31 21.18
N GLY C 116 21.23 9.01 22.45
CA GLY C 116 20.50 9.93 23.31
C GLY C 116 20.67 9.57 24.77
N PRO C 117 20.00 10.30 25.68
CA PRO C 117 19.13 11.42 25.34
C PRO C 117 19.92 12.72 25.23
N SER C 118 19.22 13.82 25.05
CA SER C 118 19.84 15.12 24.98
C SER C 118 20.28 15.52 26.39
N PRO C 119 21.55 15.92 26.56
CA PRO C 119 22.04 16.32 27.88
C PRO C 119 21.44 17.67 28.26
N LYS C 120 20.87 18.34 27.26
CA LYS C 120 20.27 19.66 27.45
C LYS C 120 18.86 19.62 28.02
N ASP C 121 18.01 18.75 27.47
CA ASP C 121 16.64 18.67 27.94
C ASP C 121 16.10 17.26 28.15
N GLY C 122 16.96 16.26 28.02
CA GLY C 122 16.53 14.89 28.22
C GLY C 122 15.64 14.31 27.12
N GLY C 123 15.51 15.04 26.02
CA GLY C 123 14.67 14.58 24.93
C GLY C 123 15.34 13.52 24.06
N TRP C 124 14.55 12.81 23.26
CA TRP C 124 15.09 11.78 22.39
C TRP C 124 14.93 12.09 20.92
N ALA C 125 15.97 11.81 20.14
CA ALA C 125 15.91 12.08 18.72
C ALA C 125 16.72 11.07 17.91
N PHE C 126 16.15 10.65 16.78
CA PHE C 126 16.87 9.76 15.88
C PHE C 126 17.66 10.76 15.03
N CYS C 127 16.93 11.65 14.37
CA CYS C 127 17.52 12.68 13.52
C CYS C 127 16.48 13.75 13.24
N SER C 128 16.80 14.99 13.60
CA SER C 128 15.90 16.10 13.40
C SER C 128 16.06 16.76 12.03
N GLY C 129 16.95 16.22 11.21
CA GLY C 129 17.15 16.78 9.89
C GLY C 129 18.33 17.72 9.75
N GLY C 130 18.35 18.47 8.66
CA GLY C 130 19.42 19.41 8.40
C GLY C 130 19.62 20.43 9.50
N ASP C 131 20.84 20.94 9.60
CA ASP C 131 21.19 21.93 10.62
C ASP C 131 20.97 23.35 10.11
N LEU C 159 29.60 16.04 -0.15
CA LEU C 159 28.66 14.93 0.04
C LEU C 159 27.28 15.40 0.50
N HIS C 160 26.29 15.11 -0.33
CA HIS C 160 24.91 15.50 -0.06
C HIS C 160 24.18 14.34 0.61
N ILE C 161 23.14 14.66 1.36
CA ILE C 161 22.36 13.65 2.05
C ILE C 161 21.69 12.70 1.03
N LEU C 162 21.51 13.17 -0.20
CA LEU C 162 20.90 12.34 -1.24
C LEU C 162 21.81 11.17 -1.57
N GLU C 163 23.12 11.40 -1.51
CA GLU C 163 24.08 10.35 -1.80
C GLU C 163 24.04 9.30 -0.69
N VAL C 164 23.74 9.74 0.53
CA VAL C 164 23.63 8.83 1.66
C VAL C 164 22.40 7.96 1.44
N GLN C 165 21.31 8.58 0.99
CA GLN C 165 20.08 7.85 0.74
C GLN C 165 20.30 6.73 -0.29
N ARG C 166 21.01 7.04 -1.37
CA ARG C 166 21.28 6.05 -2.41
C ARG C 166 22.21 4.96 -1.90
N LEU C 167 23.17 5.34 -1.07
CA LEU C 167 24.10 4.36 -0.51
C LEU C 167 23.29 3.33 0.28
N ILE C 168 22.31 3.81 1.04
CA ILE C 168 21.47 2.92 1.83
C ILE C 168 20.61 2.06 0.91
N ARG C 169 20.02 2.71 -0.07
CA ARG C 169 19.16 2.05 -1.05
C ARG C 169 19.88 0.95 -1.84
N PHE C 170 21.09 1.25 -2.31
CA PHE C 170 21.86 0.32 -3.12
C PHE C 170 22.74 -0.71 -2.42
N MET C 171 23.09 -0.51 -1.16
CA MET C 171 23.97 -1.49 -0.52
C MET C 171 23.28 -2.85 -0.36
N PRO C 172 24.01 -3.93 -0.68
CA PRO C 172 23.54 -5.32 -0.58
C PRO C 172 23.52 -5.82 0.85
N LYS C 173 22.88 -5.06 1.73
CA LYS C 173 22.76 -5.41 3.14
C LYS C 173 21.45 -4.81 3.57
N VAL C 174 20.79 -5.41 4.56
CA VAL C 174 19.52 -4.89 5.05
C VAL C 174 19.78 -3.76 6.03
N VAL C 175 19.19 -2.60 5.78
CA VAL C 175 19.38 -1.46 6.68
C VAL C 175 18.12 -1.22 7.48
N ILE C 176 18.22 -1.40 8.79
CA ILE C 176 17.11 -1.21 9.69
C ILE C 176 17.26 0.11 10.43
N CYS C 177 16.26 0.97 10.33
CA CYS C 177 16.30 2.24 11.04
C CYS C 177 15.63 2.05 12.38
N LEU C 178 16.31 2.45 13.45
CA LEU C 178 15.74 2.32 14.78
C LEU C 178 15.43 3.75 15.23
N VAL C 179 14.17 4.15 15.04
CA VAL C 179 13.72 5.48 15.40
C VAL C 179 13.46 5.53 16.92
N ASN C 180 14.47 6.02 17.62
CA ASN C 180 14.46 6.15 19.09
C ASN C 180 13.86 7.45 19.59
N GLY C 181 13.52 8.35 18.67
CA GLY C 181 12.96 9.64 19.06
C GLY C 181 12.49 10.45 17.86
N TRP C 182 12.74 11.76 17.88
CA TRP C 182 12.32 12.59 16.75
C TRP C 182 12.99 12.19 15.45
N ALA C 183 12.15 12.07 14.41
CA ALA C 183 12.59 11.75 13.06
C ALA C 183 11.86 12.81 12.22
N ALA C 184 12.54 13.93 11.98
CA ALA C 184 11.95 15.04 11.24
C ALA C 184 12.81 15.51 10.08
N GLY C 185 12.15 16.11 9.09
CA GLY C 185 12.86 16.60 7.92
C GLY C 185 13.70 15.52 7.26
N GLY C 186 14.96 15.83 7.01
CA GLY C 186 15.88 14.88 6.41
C GLY C 186 16.00 13.62 7.25
N GLY C 187 15.78 13.75 8.56
CA GLY C 187 15.86 12.60 9.44
C GLY C 187 14.73 11.63 9.13
N HIS C 188 13.56 12.18 8.85
CA HIS C 188 12.40 11.37 8.51
C HIS C 188 12.64 10.67 7.16
N SER C 189 13.21 11.40 6.21
CA SER C 189 13.49 10.84 4.89
C SER C 189 14.45 9.66 5.00
N LEU C 190 15.44 9.78 5.89
CA LEU C 190 16.40 8.70 6.11
C LEU C 190 15.68 7.43 6.57
N HIS C 191 14.69 7.58 7.44
CA HIS C 191 13.95 6.43 7.94
C HIS C 191 13.13 5.79 6.82
N VAL C 192 12.51 6.62 5.99
CA VAL C 192 11.71 6.14 4.88
C VAL C 192 12.49 5.27 3.90
N VAL C 193 13.71 5.70 3.55
CA VAL C 193 14.51 4.95 2.59
C VAL C 193 15.16 3.69 3.15
N CYS C 194 15.13 3.52 4.47
CA CYS C 194 15.71 2.31 5.05
C CYS C 194 14.77 1.14 4.71
N ASP C 195 15.34 -0.06 4.62
CA ASP C 195 14.59 -1.25 4.28
C ASP C 195 13.52 -1.58 5.31
N LEU C 196 13.85 -1.43 6.58
CA LEU C 196 12.92 -1.71 7.67
C LEU C 196 13.04 -0.63 8.73
N THR C 197 11.97 -0.41 9.47
CA THR C 197 11.95 0.57 10.55
C THR C 197 11.26 0.02 11.80
N LEU C 198 11.95 0.13 12.92
CA LEU C 198 11.44 -0.30 14.22
C LEU C 198 11.42 1.01 15.01
N ALA C 199 10.37 1.26 15.78
CA ALA C 199 10.30 2.53 16.50
C ALA C 199 9.93 2.47 17.97
N SER C 200 10.53 3.37 18.75
CA SER C 200 10.28 3.47 20.18
C SER C 200 8.83 3.88 20.40
N ARG C 201 8.08 3.09 21.17
CA ARG C 201 6.69 3.44 21.40
C ARG C 201 6.52 4.76 22.16
N GLU C 202 7.33 4.97 23.19
CA GLU C 202 7.19 6.17 23.99
C GLU C 202 7.78 7.44 23.39
N TYR C 203 8.91 7.33 22.70
CA TYR C 203 9.55 8.52 22.16
C TYR C 203 9.63 8.77 20.65
N ALA C 204 9.34 7.77 19.83
CA ALA C 204 9.41 7.98 18.39
C ALA C 204 8.39 9.03 17.96
N ARG C 205 8.86 10.01 17.20
CA ARG C 205 8.00 11.07 16.70
C ARG C 205 8.31 11.29 15.22
N PHE C 206 7.31 11.09 14.37
CA PHE C 206 7.52 11.25 12.94
C PHE C 206 6.90 12.55 12.44
N LYS C 207 7.71 13.37 11.79
CA LYS C 207 7.23 14.64 11.29
C LYS C 207 7.96 15.07 10.03
N GLN C 208 7.23 15.24 8.93
CA GLN C 208 7.85 15.69 7.71
C GLN C 208 7.72 17.21 7.69
N THR C 209 8.82 17.86 8.05
CA THR C 209 8.88 19.32 8.14
C THR C 209 8.94 20.03 6.79
N ASP C 210 9.78 19.54 5.89
CA ASP C 210 9.98 20.10 4.55
C ASP C 210 9.16 21.33 4.18
N ALA C 211 7.96 21.09 3.64
CA ALA C 211 7.05 22.15 3.20
C ALA C 211 6.94 23.35 4.15
N ASP C 212 7.18 23.12 5.44
CA ASP C 212 7.10 24.21 6.41
C ASP C 212 8.18 25.25 6.19
N PHE C 216 11.59 20.84 0.16
CA PHE C 216 10.84 19.59 0.02
C PHE C 216 11.73 18.47 -0.51
N ASP C 217 11.33 17.23 -0.24
CA ASP C 217 12.08 16.06 -0.70
C ASP C 217 11.19 15.29 -1.67
N GLY C 218 11.33 15.60 -2.96
CA GLY C 218 10.53 14.94 -3.98
C GLY C 218 11.04 13.59 -4.45
N GLY C 219 12.04 13.05 -3.76
CA GLY C 219 12.59 11.76 -4.14
C GLY C 219 12.12 10.63 -3.25
N TYR C 220 13.06 9.86 -2.71
CA TYR C 220 12.71 8.75 -1.83
C TYR C 220 12.01 9.26 -0.58
N GLY C 221 12.34 10.48 -0.18
CA GLY C 221 11.72 11.05 1.01
C GLY C 221 10.20 11.04 0.93
N SER C 222 9.67 11.41 -0.24
CA SER C 222 8.22 11.46 -0.43
C SER C 222 7.65 10.34 -1.28
N ALA C 223 7.99 10.34 -2.55
CA ALA C 223 7.48 9.34 -3.47
C ALA C 223 7.59 7.94 -2.92
N TYR C 224 8.74 7.61 -2.36
CA TYR C 224 8.93 6.27 -1.82
C TYR C 224 8.05 5.98 -0.62
N LEU C 225 7.70 7.03 0.14
CA LEU C 225 6.82 6.86 1.29
C LEU C 225 5.46 6.33 0.80
N ALA C 226 5.03 6.81 -0.36
CA ALA C 226 3.76 6.41 -0.95
C ALA C 226 3.72 4.90 -1.26
N ARG C 227 4.89 4.32 -1.48
CA ARG C 227 5.02 2.90 -1.77
C ARG C 227 5.01 2.07 -0.48
N GLN C 228 4.85 2.75 0.66
CA GLN C 228 4.81 2.11 1.96
C GLN C 228 3.44 2.28 2.63
N VAL C 229 2.90 3.49 2.58
CA VAL C 229 1.62 3.79 3.21
C VAL C 229 0.48 4.09 2.26
N GLY C 230 0.76 4.19 0.97
CA GLY C 230 -0.29 4.49 0.02
C GLY C 230 -0.31 5.97 -0.34
N GLN C 231 -0.89 6.29 -1.48
CA GLN C 231 -0.92 7.69 -1.92
C GLN C 231 -1.68 8.64 -1.01
N LYS C 232 -2.81 8.20 -0.44
CA LYS C 232 -3.56 9.10 0.42
C LYS C 232 -2.78 9.47 1.67
N PHE C 233 -2.31 8.47 2.42
CA PHE C 233 -1.56 8.75 3.64
C PHE C 233 -0.26 9.49 3.38
N ALA C 234 0.45 9.12 2.32
CA ALA C 234 1.72 9.79 2.01
C ALA C 234 1.51 11.29 1.77
N ARG C 235 0.50 11.63 0.98
CA ARG C 235 0.21 13.03 0.68
C ARG C 235 -0.15 13.78 1.98
N GLU C 236 -0.89 13.10 2.85
CA GLU C 236 -1.28 13.68 4.14
C GLU C 236 -0.05 14.02 4.97
N ILE C 237 0.81 13.04 5.15
CA ILE C 237 2.03 13.21 5.93
C ILE C 237 2.83 14.42 5.45
N PHE C 238 2.95 14.58 4.14
CA PHE C 238 3.71 15.70 3.58
C PHE C 238 2.98 17.04 3.50
N PHE C 239 1.72 17.04 3.06
CA PHE C 239 0.98 18.30 2.94
C PHE C 239 0.71 19.01 4.26
N LEU C 240 0.35 18.26 5.31
CA LEU C 240 0.07 18.87 6.60
C LEU C 240 1.24 18.90 7.56
N GLY C 241 2.22 18.01 7.38
CA GLY C 241 3.37 18.00 8.25
C GLY C 241 3.09 17.75 9.71
N ARG C 242 2.03 17.00 10.02
CA ARG C 242 1.70 16.72 11.40
C ARG C 242 2.71 15.74 12.00
N THR C 243 2.65 15.60 13.32
CA THR C 243 3.54 14.70 14.05
C THR C 243 2.80 13.40 14.33
N TYR C 244 3.46 12.27 14.10
CA TYR C 244 2.85 10.96 14.33
C TYR C 244 3.67 10.10 15.27
N THR C 245 2.98 9.21 15.98
CA THR C 245 3.61 8.29 16.92
C THR C 245 4.06 7.04 16.17
N ALA C 246 4.80 6.18 16.87
CA ALA C 246 5.28 4.92 16.31
C ALA C 246 4.07 4.07 15.89
N GLU C 247 3.09 3.99 16.78
CA GLU C 247 1.89 3.22 16.54
C GLU C 247 1.09 3.69 15.31
N GLN C 248 0.91 5.00 15.18
CA GLN C 248 0.17 5.54 14.02
C GLN C 248 0.89 5.23 12.71
N MET C 249 2.20 5.40 12.71
CA MET C 249 3.00 5.16 11.53
C MET C 249 2.99 3.65 11.23
N HIS C 250 2.86 2.84 12.29
CA HIS C 250 2.80 1.40 12.12
C HIS C 250 1.50 1.03 11.44
N GLN C 251 0.41 1.66 11.88
CA GLN C 251 -0.91 1.43 11.30
C GLN C 251 -0.92 1.79 9.82
N MET C 252 -0.20 2.84 9.45
CA MET C 252 -0.18 3.26 8.05
C MET C 252 0.76 2.42 7.18
N GLY C 253 1.70 1.71 7.80
CA GLY C 253 2.58 0.88 7.02
C GLY C 253 4.02 1.33 6.82
N ALA C 254 4.42 2.41 7.49
CA ALA C 254 5.78 2.92 7.35
C ALA C 254 6.71 2.41 8.47
N VAL C 255 6.13 1.87 9.54
CA VAL C 255 6.91 1.33 10.65
C VAL C 255 6.59 -0.16 10.79
N ASN C 256 7.62 -0.99 10.71
CA ASN C 256 7.42 -2.44 10.80
C ASN C 256 6.89 -2.92 12.15
N ALA C 257 7.48 -2.42 13.23
CA ALA C 257 7.05 -2.83 14.56
C ALA C 257 7.38 -1.75 15.57
N VAL C 258 6.60 -1.73 16.66
CA VAL C 258 6.79 -0.79 17.74
C VAL C 258 7.43 -1.56 18.88
N ALA C 259 8.39 -0.95 19.56
CA ALA C 259 9.07 -1.61 20.67
C ALA C 259 9.21 -0.68 21.88
N GLU C 260 9.35 -1.26 23.07
CA GLU C 260 9.55 -0.47 24.28
C GLU C 260 10.85 0.25 24.07
N HIS C 261 10.89 1.53 24.42
CA HIS C 261 12.09 2.33 24.24
C HIS C 261 13.37 1.63 24.69
N ALA C 262 13.38 1.16 25.92
CA ALA C 262 14.56 0.48 26.45
C ALA C 262 14.93 -0.78 25.68
N GLU C 263 13.97 -1.35 24.96
CA GLU C 263 14.18 -2.58 24.20
C GLU C 263 14.45 -2.38 22.70
N LEU C 264 14.29 -1.15 22.21
CA LEU C 264 14.47 -0.88 20.79
C LEU C 264 15.69 -1.54 20.14
N GLU C 265 16.87 -1.36 20.72
CA GLU C 265 18.07 -1.94 20.13
C GLU C 265 18.16 -3.45 20.33
N THR C 266 17.61 -3.95 21.44
CA THR C 266 17.62 -5.38 21.69
C THR C 266 16.72 -6.05 20.64
N VAL C 267 15.57 -5.44 20.38
CA VAL C 267 14.65 -5.98 19.37
C VAL C 267 15.34 -5.85 18.00
N GLY C 268 16.04 -4.74 17.78
CA GLY C 268 16.74 -4.54 16.52
C GLY C 268 17.77 -5.64 16.25
N LEU C 269 18.49 -6.04 17.29
CA LEU C 269 19.50 -7.09 17.15
C LEU C 269 18.83 -8.45 16.89
N GLN C 270 17.61 -8.64 17.41
CA GLN C 270 16.89 -9.90 17.20
C GLN C 270 16.51 -9.99 15.71
N TRP C 271 16.00 -8.90 15.16
CA TRP C 271 15.63 -8.86 13.75
C TRP C 271 16.86 -9.07 12.90
N ALA C 272 17.95 -8.42 13.28
CA ALA C 272 19.20 -8.54 12.55
C ALA C 272 19.65 -10.00 12.55
N ALA C 273 19.51 -10.68 13.68
CA ALA C 273 19.94 -12.07 13.78
C ALA C 273 19.11 -12.97 12.86
N GLU C 274 17.80 -12.78 12.84
CA GLU C 274 16.96 -13.59 11.98
C GLU C 274 17.33 -13.37 10.51
N ILE C 275 17.68 -12.13 10.15
CA ILE C 275 18.07 -11.80 8.77
C ILE C 275 19.41 -12.47 8.44
N ASN C 276 20.38 -12.35 9.36
CA ASN C 276 21.70 -12.93 9.16
C ASN C 276 21.71 -14.45 9.18
N ALA C 277 20.66 -15.06 9.75
CA ALA C 277 20.54 -16.51 9.84
C ALA C 277 20.17 -17.14 8.50
N LYS C 278 19.82 -16.31 7.51
CA LYS C 278 19.45 -16.85 6.21
C LYS C 278 20.57 -16.72 5.20
N SER C 279 20.33 -17.22 4.00
CA SER C 279 21.30 -17.16 2.93
C SER C 279 21.61 -15.72 2.56
N PRO C 280 22.86 -15.28 2.71
CA PRO C 280 23.23 -13.91 2.37
C PRO C 280 22.94 -13.56 0.91
N GLN C 281 23.25 -14.49 0.02
CA GLN C 281 23.03 -14.29 -1.41
C GLN C 281 21.55 -14.10 -1.67
N ALA C 282 20.72 -14.84 -0.94
CA ALA C 282 19.28 -14.75 -1.10
C ALA C 282 18.80 -13.39 -0.62
N GLN C 283 19.32 -12.94 0.52
CA GLN C 283 18.93 -11.65 1.06
C GLN C 283 19.28 -10.53 0.08
N ARG C 284 20.48 -10.59 -0.50
CA ARG C 284 20.91 -9.59 -1.46
C ARG C 284 19.97 -9.58 -2.66
N MET C 285 19.72 -10.76 -3.23
CA MET C 285 18.84 -10.88 -4.38
C MET C 285 17.46 -10.32 -4.07
N LEU C 286 16.93 -10.64 -2.89
CA LEU C 286 15.61 -10.17 -2.50
C LEU C 286 15.53 -8.66 -2.39
N LYS C 287 16.52 -8.06 -1.73
CA LYS C 287 16.50 -6.61 -1.58
C LYS C 287 16.45 -5.94 -2.95
N PHE C 288 17.32 -6.38 -3.86
CA PHE C 288 17.33 -5.77 -5.19
C PHE C 288 16.05 -6.09 -5.98
N ALA C 289 15.42 -7.23 -5.68
CA ALA C 289 14.18 -7.58 -6.36
C ALA C 289 13.09 -6.60 -5.90
N PHE C 290 13.11 -6.23 -4.62
CA PHE C 290 12.13 -5.28 -4.09
C PHE C 290 12.40 -3.88 -4.65
N ASN C 291 13.67 -3.52 -4.81
CA ASN C 291 14.06 -2.22 -5.35
C ASN C 291 13.67 -2.10 -6.83
N LEU C 292 13.92 -3.18 -7.58
CA LEU C 292 13.65 -3.23 -9.02
C LEU C 292 12.26 -2.71 -9.40
N LEU C 293 11.29 -2.90 -8.51
CA LEU C 293 9.92 -2.43 -8.75
C LEU C 293 9.83 -0.92 -8.99
N ASP C 294 10.70 -0.16 -8.34
CA ASP C 294 10.61 1.28 -8.46
C ASP C 294 11.88 2.02 -8.90
N ASP C 295 13.01 1.32 -8.96
CA ASP C 295 14.25 1.97 -9.35
C ASP C 295 14.62 1.91 -10.83
N GLY C 296 13.67 1.53 -11.68
CA GLY C 296 13.94 1.47 -13.11
C GLY C 296 15.23 0.77 -13.50
N LEU C 297 15.93 1.36 -14.46
CA LEU C 297 17.20 0.80 -14.96
C LEU C 297 18.25 0.60 -13.90
N VAL C 298 18.28 1.51 -12.92
CA VAL C 298 19.26 1.41 -11.84
C VAL C 298 18.96 0.14 -11.06
N GLY C 299 17.67 -0.09 -10.81
CA GLY C 299 17.25 -1.27 -10.08
C GLY C 299 17.60 -2.51 -10.90
N GLN C 300 17.40 -2.43 -12.21
CA GLN C 300 17.71 -3.56 -13.07
C GLN C 300 19.21 -3.84 -13.05
N GLN C 301 20.01 -2.78 -13.10
CA GLN C 301 21.46 -2.92 -13.08
C GLN C 301 21.93 -3.67 -11.83
N LEU C 302 21.46 -3.26 -10.67
CA LEU C 302 21.85 -3.91 -9.42
C LEU C 302 21.38 -5.36 -9.33
N PHE C 303 20.13 -5.63 -9.72
CA PHE C 303 19.65 -7.01 -9.66
C PHE C 303 20.42 -7.88 -10.67
N ALA C 304 20.53 -7.41 -11.91
CA ALA C 304 21.25 -8.15 -12.93
C ALA C 304 22.70 -8.31 -12.52
N GLY C 305 23.23 -7.29 -11.87
CA GLY C 305 24.61 -7.34 -11.41
C GLY C 305 24.85 -8.46 -10.43
N GLU C 306 23.88 -8.66 -9.53
CA GLU C 306 23.97 -9.74 -8.54
C GLU C 306 23.66 -11.06 -9.20
N ALA C 307 22.88 -11.03 -10.28
CA ALA C 307 22.55 -12.26 -11.00
C ALA C 307 23.84 -12.76 -11.64
N THR C 308 24.68 -11.82 -12.06
CA THR C 308 25.96 -12.16 -12.67
C THR C 308 26.81 -12.85 -11.60
N ARG C 309 26.26 -12.92 -10.40
CA ARG C 309 26.92 -13.55 -9.25
C ARG C 309 28.01 -12.65 -8.69
O2S EP1 D . 1.48 1.16 -4.99
O2S EP1 D . 3.24 0.87 -3.46
O2S EP1 D . 1.16 1.45 -4.69
S EP1 D . 1.69 0.55 -3.67
S EP1 D . 1.74 0.66 -3.54
S EP1 D . 1.64 0.57 -3.60
O3S EP1 D . 1.55 -0.91 -3.75
O3S EP1 D . 0.94 1.85 -3.67
O3S EP1 D . 1.68 -0.82 -4.10
O1S EP1 D . 3.05 0.92 -3.21
O1S EP1 D . 1.61 -0.30 -4.68
O1S EP1 D . 2.99 0.99 -3.17
C11 EP1 D . 0.56 1.16 -2.63
C11 EP1 D . 1.45 0.10 -2.10
C11 EP1 D . 0.59 0.70 -2.34
C10 EP1 D . 0.65 0.57 -1.23
C10 EP1 D . 0.15 -0.34 -1.53
C10 EP1 D . 1.05 -0.16 -1.17
C9 EP1 D . -0.77 0.22 -0.78
C9 EP1 D . 0.58 -0.19 -0.11
C9 EP1 D . 0.77 0.54 0.17
N1 EP1 D . -0.83 0.06 0.69
N1 EP1 D . -0.37 0.14 0.93
N1 EP1 D . -0.30 -0.15 0.92
C2 EP1 D . -1.54 -1.12 1.13
C2 EP1 D . -0.12 -0.53 2.24
C2 EP1 D . -0.59 0.37 2.25
C3 EP1 D . -1.63 -1.31 2.65
C3 EP1 D . -1.11 -0.13 3.36
C3 EP1 D . -1.71 -0.35 3.02
N4 EP1 D . -1.00 -0.31 3.59
N4 EP1 D . -2.22 0.85 3.07
N4 EP1 D . -2.43 -1.51 2.40
C5 EP1 D . -0.30 0.88 3.02
C5 EP1 D . -2.32 1.41 1.73
C5 EP1 D . -2.07 -1.96 1.05
C6 EP1 D . -0.20 1.08 1.52
C6 EP1 D . -1.38 1.07 0.63
C6 EP1 D . -0.97 -1.28 0.26
C7 EP1 D . 0.02 -1.01 4.44
C7 EP1 D . -2.22 2.04 3.96
C7 EP1 D . -3.86 -1.18 2.35
C8 EP1 D . -0.52 -2.22 5.18
C8 EP1 D . -2.08 1.78 5.45
C8 EP1 D . -4.63 -1.83 3.47
O8 EP1 D . -1.62 -1.82 5.95
O8 EP1 D . -2.50 0.47 5.79
O8 EP1 D . -4.33 -1.15 4.66
#